data_6FS3
#
_entry.id   6FS3
#
_cell.length_a   54.469
_cell.length_b   81.460
_cell.length_c   70.710
_cell.angle_alpha   90.00
_cell.angle_beta   95.12
_cell.angle_gamma   90.00
#
_symmetry.space_group_name_H-M   'P 1 21 1'
#
loop_
_entity.id
_entity.type
_entity.pdbx_description
1 polymer 'Parathion hydrolase'
2 non-polymer 'FORMIC ACID'
3 non-polymer 'ZINC ION'
4 non-polymer '(2~{S})-2-methylpentanedioic acid'
5 water water
#
_entity_poly.entity_id   1
_entity_poly.type   'polypeptide(L)'
_entity_poly.pdbx_seq_one_letter_code
;ISEFTNSGDRINTVRGPITISEAGFTLTHEHICGSSAGFLRAWPEFFGSRAALVEKAVRGLRRARAAGVRTIVDVSTFDA
GRDVSLLAEVSRAADVHIVAATGLWEDPPLSMRLRSVEELTQFFLREIQYGIEDTGIRAGIIKVATQGKATPFQELVLRA
AARASLATGVPVTTHTFASQRDGEQQAAIFESEGLSPSRVCIGHSDDTDDLSYLTALAARGYLIGLDGIPHSAIGLEDNA
SASALLGNRSWQTRALLIKALIDQGYMKQILVSNDWLFGFSSYVTNIMDVMDSVNPDGMAFIPLRVIPFLREKGVPQETL
AGITVTNPARFLSPTLRAS
;
_entity_poly.pdbx_strand_id   A,B
#
loop_
_chem_comp.id
_chem_comp.type
_chem_comp.name
_chem_comp.formula
9ON non-polymer '(2~{S})-2-methylpentanedioic acid' 'C6 H10 O4'
FMT non-polymer 'FORMIC ACID' 'C H2 O2'
ZN non-polymer 'ZINC ION' 'Zn 2'
#
# COMPACT_ATOMS: atom_id res chain seq x y z
N ASP A 9 -14.77 30.64 5.85
CA ASP A 9 -15.43 30.43 7.13
C ASP A 9 -15.67 28.95 7.42
N ARG A 10 -15.30 28.08 6.49
CA ARG A 10 -15.64 26.66 6.60
C ARG A 10 -14.40 25.79 6.61
N ILE A 11 -14.48 24.70 7.38
CA ILE A 11 -13.45 23.67 7.45
C ILE A 11 -14.09 22.36 7.00
N ASN A 12 -13.42 21.63 6.13
CA ASN A 12 -13.95 20.34 5.70
C ASN A 12 -13.67 19.25 6.73
N THR A 13 -14.71 18.50 7.10
CA THR A 13 -14.59 17.36 8.00
C THR A 13 -15.15 16.13 7.30
N VAL A 14 -15.03 14.96 7.96
CA VAL A 14 -15.56 13.75 7.35
C VAL A 14 -17.08 13.68 7.38
N ARG A 15 -17.75 14.60 8.06
CA ARG A 15 -19.20 14.73 7.98
C ARG A 15 -19.64 15.89 7.10
N GLY A 16 -18.71 16.57 6.45
CA GLY A 16 -19.04 17.71 5.64
C GLY A 16 -18.44 18.99 6.20
N PRO A 17 -18.85 20.13 5.66
CA PRO A 17 -18.28 21.41 6.09
C PRO A 17 -18.82 21.85 7.44
N ILE A 18 -17.95 22.45 8.25
CA ILE A 18 -18.35 23.05 9.51
C ILE A 18 -17.80 24.47 9.56
N THR A 19 -18.44 25.31 10.37
CA THR A 19 -17.92 26.66 10.54
C THR A 19 -16.81 26.65 11.58
N ILE A 20 -16.04 27.73 11.60
CA ILE A 20 -14.84 27.80 12.42
C ILE A 20 -15.20 27.68 13.90
N SER A 21 -16.28 28.35 14.32
CA SER A 21 -16.68 28.31 15.72
C SER A 21 -17.07 26.89 16.16
N GLU A 22 -17.49 26.04 15.23
CA GLU A 22 -17.91 24.70 15.60
C GLU A 22 -16.75 23.80 15.96
N ALA A 23 -15.53 24.14 15.53
CA ALA A 23 -14.38 23.28 15.76
C ALA A 23 -14.09 23.11 17.27
N GLY A 24 -14.14 24.20 18.02
CA GLY A 24 -13.88 24.15 19.46
C GLY A 24 -12.48 23.62 19.79
N PHE A 25 -12.38 22.99 20.95
CA PHE A 25 -11.15 22.32 21.38
C PHE A 25 -10.73 21.28 20.35
N THR A 26 -9.53 21.44 19.79
CA THR A 26 -9.10 20.65 18.64
C THR A 26 -7.73 20.04 18.90
N LEU A 27 -7.62 18.73 18.71
CA LEU A 27 -6.33 18.04 18.70
C LEU A 27 -5.84 17.97 17.27
N THR A 28 -4.70 18.59 16.98
CA THR A 28 -4.29 18.83 15.59
C THR A 28 -3.42 17.75 14.98
N HIS A 29 -3.05 16.69 15.71
CA HIS A 29 -2.24 15.60 15.13
C HIS A 29 -2.65 14.31 15.82
N GLU A 30 -3.52 13.53 15.18
CA GLU A 30 -4.04 12.30 15.75
C GLU A 30 -4.25 11.30 14.63
N HIS A 31 -4.58 10.06 15.01
CA HIS A 31 -4.86 8.97 14.08
C HIS A 31 -5.97 8.10 14.64
N ILE A 32 -6.99 7.79 13.84
CA ILE A 32 -7.88 6.70 14.24
C ILE A 32 -7.13 5.38 14.17
N CYS A 33 -6.39 5.16 13.08
CA CYS A 33 -5.72 3.89 12.88
C CYS A 33 -4.47 4.11 12.05
N GLY A 34 -3.32 3.77 12.62
CA GLY A 34 -2.07 3.87 11.86
C GLY A 34 -1.83 2.57 11.12
N SER A 35 -2.04 2.58 9.81
CA SER A 35 -1.93 1.34 9.05
C SER A 35 -1.20 1.55 7.74
N SER A 36 -1.63 0.85 6.70
CA SER A 36 -1.07 0.97 5.35
C SER A 36 -2.23 0.90 4.37
N ALA A 37 -2.04 1.51 3.19
CA ALA A 37 -3.10 1.55 2.19
C ALA A 37 -3.67 0.16 1.95
N GLY A 38 -4.99 0.04 2.02
CA GLY A 38 -5.68 -1.22 1.75
C GLY A 38 -5.66 -2.24 2.87
N PHE A 39 -4.87 -2.02 3.92
CA PHE A 39 -4.60 -3.09 4.89
C PHE A 39 -5.82 -3.39 5.75
N LEU A 40 -6.50 -2.34 6.22
CA LEU A 40 -7.67 -2.55 7.08
C LEU A 40 -8.75 -3.35 6.33
N ARG A 41 -8.90 -3.09 5.03
CA ARG A 41 -9.89 -3.83 4.24
C ARG A 41 -9.44 -5.26 3.97
N ALA A 42 -8.13 -5.48 3.76
CA ALA A 42 -7.65 -6.81 3.39
C ALA A 42 -7.47 -7.73 4.59
N TRP A 43 -7.16 -7.17 5.77
CA TRP A 43 -6.83 -8.00 6.94
C TRP A 43 -7.39 -7.38 8.22
N PRO A 44 -8.72 -7.22 8.29
CA PRO A 44 -9.31 -6.57 9.48
C PRO A 44 -9.11 -7.39 10.74
N GLU A 45 -8.90 -8.70 10.62
CA GLU A 45 -8.65 -9.56 11.77
C GLU A 45 -7.36 -9.20 12.48
N PHE A 46 -6.44 -8.51 11.81
CA PHE A 46 -5.25 -8.01 12.51
C PHE A 46 -5.66 -7.16 13.71
N PHE A 47 -6.76 -6.42 13.58
CA PHE A 47 -7.27 -5.56 14.65
C PHE A 47 -8.36 -6.24 15.47
N GLY A 48 -8.38 -7.57 15.50
CA GLY A 48 -9.52 -8.33 16.02
C GLY A 48 -10.61 -8.44 14.98
N SER A 49 -11.22 -7.30 14.65
CA SER A 49 -12.21 -7.19 13.60
C SER A 49 -12.40 -5.70 13.33
N ARG A 50 -12.95 -5.40 12.15
CA ARG A 50 -13.31 -4.02 11.87
C ARG A 50 -14.26 -3.47 12.92
N ALA A 51 -15.28 -4.25 13.28
CA ALA A 51 -16.25 -3.80 14.28
C ALA A 51 -15.57 -3.55 15.63
N ALA A 52 -14.59 -4.38 16.00
CA ALA A 52 -13.90 -4.15 17.28
C ALA A 52 -13.08 -2.85 17.23
N LEU A 53 -12.45 -2.57 16.09
CA LEU A 53 -11.68 -1.34 15.93
C LEU A 53 -12.59 -0.13 16.00
N VAL A 54 -13.74 -0.19 15.31
CA VAL A 54 -14.74 0.86 15.43
C VAL A 54 -15.13 1.08 16.88
N GLU A 55 -15.50 0.00 17.57
CA GLU A 55 -15.96 0.15 18.95
C GLU A 55 -14.87 0.74 19.85
N LYS A 56 -13.63 0.31 19.66
CA LYS A 56 -12.54 0.86 20.46
C LYS A 56 -12.34 2.35 20.18
N ALA A 57 -12.36 2.72 18.90
CA ALA A 57 -12.17 4.12 18.55
C ALA A 57 -13.32 4.98 19.05
N VAL A 58 -14.56 4.46 18.96
CA VAL A 58 -15.69 5.26 19.43
C VAL A 58 -15.60 5.46 20.95
N ARG A 59 -15.26 4.40 21.69
CA ARG A 59 -15.09 4.56 23.14
C ARG A 59 -14.00 5.58 23.45
N GLY A 60 -12.87 5.49 22.75
CA GLY A 60 -11.77 6.42 22.99
C GLY A 60 -12.12 7.85 22.62
N LEU A 61 -12.78 8.05 21.48
CA LEU A 61 -13.20 9.40 21.10
C LEU A 61 -14.27 9.94 22.04
N ARG A 62 -15.19 9.08 22.50
CA ARG A 62 -16.18 9.54 23.48
C ARG A 62 -15.52 9.98 24.78
N ARG A 63 -14.44 9.28 25.18
CA ARG A 63 -13.73 9.70 26.38
C ARG A 63 -13.05 11.04 26.17
N ALA A 64 -12.47 11.27 24.98
CA ALA A 64 -11.88 12.57 24.71
C ALA A 64 -12.96 13.65 24.65
N ARG A 65 -14.12 13.32 24.09
CA ARG A 65 -15.20 14.30 24.04
C ARG A 65 -15.65 14.70 25.45
N ALA A 66 -15.78 13.72 26.33
CA ALA A 66 -16.18 14.01 27.71
C ALA A 66 -15.16 14.89 28.41
N ALA A 67 -13.89 14.79 27.98
CA ALA A 67 -12.84 15.64 28.54
C ALA A 67 -12.78 17.00 27.87
N GLY A 68 -13.58 17.25 26.83
CA GLY A 68 -13.70 18.57 26.24
C GLY A 68 -13.29 18.66 24.79
N VAL A 69 -12.70 17.61 24.22
CA VAL A 69 -12.31 17.65 22.81
C VAL A 69 -13.55 17.67 21.93
N ARG A 70 -13.56 18.58 20.95
CA ARG A 70 -14.67 18.66 20.02
C ARG A 70 -14.29 18.28 18.59
N THR A 71 -13.01 18.38 18.24
CA THR A 71 -12.49 18.09 16.91
C THR A 71 -11.12 17.42 17.03
N ILE A 72 -10.84 16.44 16.17
CA ILE A 72 -9.46 15.99 15.97
C ILE A 72 -9.11 16.11 14.49
N VAL A 73 -7.83 16.32 14.23
CA VAL A 73 -7.30 16.27 12.87
C VAL A 73 -6.59 14.93 12.71
N ASP A 74 -7.15 14.06 11.87
CA ASP A 74 -6.54 12.77 11.60
C ASP A 74 -5.54 12.98 10.47
N VAL A 75 -4.25 12.93 10.81
CA VAL A 75 -3.19 13.24 9.85
C VAL A 75 -2.66 11.96 9.21
N SER A 76 -3.49 10.91 9.16
CA SER A 76 -3.18 9.71 8.38
C SER A 76 -3.35 9.99 6.90
N THR A 77 -2.30 9.73 6.13
CA THR A 77 -2.34 9.87 4.69
C THR A 77 -2.77 8.58 4.02
N PHE A 78 -2.84 8.62 2.68
CA PHE A 78 -3.07 7.42 1.89
C PHE A 78 -2.18 6.27 2.34
N ASP A 79 -0.86 6.51 2.43
CA ASP A 79 0.07 5.42 2.69
C ASP A 79 0.15 5.06 4.17
N ALA A 80 -0.43 5.86 5.04
CA ALA A 80 -0.63 5.50 6.43
C ALA A 80 -1.94 4.74 6.65
N GLY A 81 -2.58 4.31 5.57
CA GLY A 81 -3.76 3.49 5.67
C GLY A 81 -5.04 4.21 6.00
N ARG A 82 -5.08 5.54 5.86
CA ARG A 82 -6.30 6.32 6.05
C ARG A 82 -7.48 5.64 5.37
N ASP A 83 -8.51 5.35 6.15
CA ASP A 83 -9.77 4.82 5.63
C ASP A 83 -10.83 5.83 6.03
N VAL A 84 -11.20 6.70 5.09
CA VAL A 84 -12.04 7.83 5.44
C VAL A 84 -13.44 7.38 5.82
N SER A 85 -13.88 6.21 5.34
N SER A 85 -13.87 6.21 5.32
CA SER A 85 -15.16 5.67 5.77
CA SER A 85 -15.14 5.64 5.74
C SER A 85 -15.13 5.23 7.23
C SER A 85 -15.12 5.27 7.23
N LEU A 86 -13.99 4.73 7.70
CA LEU A 86 -13.84 4.47 9.14
C LEU A 86 -13.85 5.77 9.94
N LEU A 87 -13.13 6.80 9.48
CA LEU A 87 -13.14 8.08 10.17
C LEU A 87 -14.56 8.61 10.30
N ALA A 88 -15.33 8.54 9.22
CA ALA A 88 -16.69 9.05 9.22
C ALA A 88 -17.56 8.29 10.21
N GLU A 89 -17.44 6.96 10.22
CA GLU A 89 -18.23 6.15 11.14
C GLU A 89 -17.94 6.52 12.59
N VAL A 90 -16.66 6.67 12.93
CA VAL A 90 -16.26 6.91 14.33
C VAL A 90 -16.59 8.34 14.71
N SER A 91 -16.41 9.28 13.79
CA SER A 91 -16.78 10.68 14.05
C SER A 91 -18.27 10.79 14.39
N ARG A 92 -19.11 10.11 13.61
N ARG A 92 -19.12 10.15 13.58
CA ARG A 92 -20.55 10.21 13.81
CA ARG A 92 -20.56 10.18 13.81
C ARG A 92 -20.98 9.59 15.13
C ARG A 92 -20.91 9.64 15.19
N ALA A 93 -20.34 8.49 15.54
CA ALA A 93 -20.77 7.74 16.71
C ALA A 93 -20.18 8.28 18.00
N ALA A 94 -19.19 9.16 17.91
CA ALA A 94 -18.65 9.80 19.10
C ALA A 94 -18.96 11.28 19.14
N ASP A 95 -19.61 11.81 18.11
CA ASP A 95 -19.93 13.23 17.98
C ASP A 95 -18.69 14.08 18.20
N VAL A 96 -17.61 13.70 17.52
CA VAL A 96 -16.37 14.47 17.49
C VAL A 96 -16.06 14.73 16.03
N HIS A 97 -15.84 15.99 15.68
CA HIS A 97 -15.46 16.31 14.30
C HIS A 97 -14.11 15.68 13.99
N ILE A 98 -13.95 15.18 12.76
CA ILE A 98 -12.63 14.68 12.33
C ILE A 98 -12.29 15.34 11.01
N VAL A 99 -11.14 16.02 10.95
CA VAL A 99 -10.61 16.55 9.69
C VAL A 99 -9.68 15.51 9.10
N ALA A 100 -9.89 15.18 7.83
CA ALA A 100 -9.05 14.21 7.15
C ALA A 100 -7.91 14.91 6.39
N ALA A 101 -6.88 14.13 6.08
CA ALA A 101 -5.64 14.61 5.48
C ALA A 101 -5.45 14.01 4.09
N THR A 102 -4.76 14.79 3.24
CA THR A 102 -4.10 14.28 2.05
C THR A 102 -2.59 14.39 2.29
N GLY A 103 -1.81 14.20 1.23
CA GLY A 103 -0.36 14.21 1.38
C GLY A 103 0.19 12.81 1.36
N LEU A 104 1.47 12.70 1.73
CA LEU A 104 2.11 11.40 1.83
C LEU A 104 3.04 11.35 3.02
N TRP A 105 3.09 10.16 3.63
CA TRP A 105 3.83 9.94 4.86
C TRP A 105 5.10 9.17 4.50
N GLU A 106 5.59 8.29 5.38
CA GLU A 106 6.91 7.72 5.19
C GLU A 106 6.90 6.38 4.45
N ASP A 107 5.73 5.90 3.96
CA ASP A 107 5.64 4.58 3.32
C ASP A 107 4.90 4.58 1.98
N PRO A 108 5.24 5.50 1.06
CA PRO A 108 4.53 5.52 -0.24
C PRO A 108 4.83 4.27 -1.06
N PRO A 109 3.82 3.69 -1.71
CA PRO A 109 4.06 2.55 -2.60
C PRO A 109 4.64 3.03 -3.92
N LEU A 110 5.05 2.05 -4.74
CA LEU A 110 5.62 2.36 -6.05
C LEU A 110 4.73 3.29 -6.86
N SER A 111 3.42 3.05 -6.86
CA SER A 111 2.52 3.86 -7.69
C SER A 111 2.53 5.32 -7.28
N MET A 112 2.98 5.63 -6.06
CA MET A 112 3.20 7.01 -5.64
C MET A 112 4.64 7.46 -5.85
N ARG A 113 5.62 6.62 -5.49
CA ARG A 113 7.03 6.99 -5.55
C ARG A 113 7.51 7.31 -6.96
N LEU A 114 6.83 6.79 -7.97
CA LEU A 114 7.23 6.99 -9.36
C LEU A 114 6.62 8.25 -9.97
N ARG A 115 5.82 8.99 -9.22
CA ARG A 115 5.11 10.14 -9.77
C ARG A 115 5.93 11.42 -9.69
N SER A 116 5.63 12.33 -10.63
CA SER A 116 6.27 13.63 -10.73
C SER A 116 5.67 14.61 -9.72
N VAL A 117 6.32 15.75 -9.54
CA VAL A 117 5.76 16.76 -8.65
C VAL A 117 4.41 17.24 -9.17
N GLU A 118 4.27 17.33 -10.50
CA GLU A 118 3.00 17.74 -11.10
C GLU A 118 1.92 16.71 -10.82
N GLU A 119 2.24 15.43 -10.98
CA GLU A 119 1.27 14.37 -10.73
C GLU A 119 0.84 14.36 -9.26
N LEU A 120 1.82 14.46 -8.35
CA LEU A 120 1.50 14.48 -6.92
C LEU A 120 0.62 15.67 -6.58
N THR A 121 0.91 16.84 -7.17
CA THR A 121 0.05 18.00 -6.95
C THR A 121 -1.39 17.70 -7.37
N GLN A 122 -1.57 17.02 -8.50
CA GLN A 122 -2.92 16.70 -8.94
C GLN A 122 -3.61 15.76 -7.96
N PHE A 123 -2.87 14.78 -7.42
CA PHE A 123 -3.47 13.85 -6.47
C PHE A 123 -3.89 14.58 -5.20
N PHE A 124 -2.99 15.41 -4.63
CA PHE A 124 -3.35 16.13 -3.42
C PHE A 124 -4.55 17.05 -3.67
N LEU A 125 -4.57 17.71 -4.82
CA LEU A 125 -5.70 18.58 -5.14
C LEU A 125 -6.98 17.78 -5.25
N ARG A 126 -6.90 16.57 -5.80
CA ARG A 126 -8.10 15.75 -5.94
C ARG A 126 -8.72 15.48 -4.58
N GLU A 127 -7.89 15.14 -3.59
CA GLU A 127 -8.45 14.77 -2.28
C GLU A 127 -8.98 15.98 -1.53
N ILE A 128 -8.50 17.19 -1.85
CA ILE A 128 -8.99 18.43 -1.23
C ILE A 128 -10.20 18.97 -1.96
N GLN A 129 -10.17 19.00 -3.29
CA GLN A 129 -11.17 19.72 -4.07
C GLN A 129 -12.31 18.83 -4.52
N TYR A 130 -12.03 17.55 -4.81
CA TYR A 130 -13.03 16.60 -5.29
C TYR A 130 -13.54 15.71 -4.18
N GLY A 131 -12.62 15.04 -3.48
CA GLY A 131 -12.97 14.10 -2.44
C GLY A 131 -12.02 12.94 -2.41
N ILE A 132 -12.06 12.16 -1.34
CA ILE A 132 -11.15 11.04 -1.13
C ILE A 132 -11.86 9.79 -1.63
N GLU A 133 -11.16 9.02 -2.48
CA GLU A 133 -11.74 7.81 -3.08
C GLU A 133 -13.08 8.20 -3.69
N ASP A 134 -14.14 7.42 -3.48
CA ASP A 134 -15.46 7.72 -4.00
C ASP A 134 -16.42 8.22 -2.91
N THR A 135 -15.88 8.77 -1.82
CA THR A 135 -16.70 9.11 -0.65
C THR A 135 -17.26 10.53 -0.65
N GLY A 136 -16.72 11.43 -1.47
CA GLY A 136 -17.09 12.83 -1.37
C GLY A 136 -16.51 13.54 -0.16
N ILE A 137 -15.80 12.84 0.71
CA ILE A 137 -15.17 13.47 1.86
C ILE A 137 -13.89 14.16 1.41
N ARG A 138 -13.77 15.45 1.73
CA ARG A 138 -12.66 16.26 1.27
C ARG A 138 -11.66 16.47 2.39
N ALA A 139 -10.37 16.40 2.06
CA ALA A 139 -9.31 16.65 3.02
C ALA A 139 -9.28 18.12 3.42
N GLY A 140 -8.97 18.36 4.70
CA GLY A 140 -8.79 19.71 5.21
C GLY A 140 -7.37 20.04 5.64
N ILE A 141 -6.40 19.18 5.34
CA ILE A 141 -5.02 19.41 5.71
C ILE A 141 -4.15 18.53 4.81
N ILE A 142 -2.91 18.97 4.59
CA ILE A 142 -1.94 18.21 3.83
C ILE A 142 -0.82 17.79 4.78
N LYS A 143 -0.52 16.50 4.78
CA LYS A 143 0.50 15.93 5.65
C LYS A 143 1.73 15.53 4.84
N VAL A 144 2.93 15.89 5.31
CA VAL A 144 4.19 15.54 4.66
C VAL A 144 5.17 15.02 5.71
N ALA A 145 6.28 14.44 5.24
CA ALA A 145 7.22 13.80 6.14
C ALA A 145 8.65 13.82 5.62
N THR A 146 9.61 14.03 6.53
CA THR A 146 11.02 13.72 6.31
C THR A 146 11.53 12.97 7.53
N GLN A 147 12.64 12.25 7.37
CA GLN A 147 13.33 11.58 8.49
C GLN A 147 14.82 11.89 8.35
N GLY A 148 15.21 13.09 8.75
CA GLY A 148 16.51 13.60 8.36
C GLY A 148 16.42 14.20 6.96
N LYS A 149 17.58 14.37 6.32
CA LYS A 149 17.63 14.97 4.98
C LYS A 149 16.60 14.34 4.05
N ALA A 150 15.85 15.20 3.35
CA ALA A 150 14.82 14.73 2.44
C ALA A 150 15.42 13.85 1.35
N THR A 151 14.74 12.74 1.04
CA THR A 151 15.04 12.00 -0.18
C THR A 151 14.60 12.84 -1.38
N PRO A 152 15.06 12.51 -2.58
CA PRO A 152 14.53 13.22 -3.75
C PRO A 152 13.02 13.18 -3.85
N PHE A 153 12.41 12.04 -3.53
CA PHE A 153 10.95 11.96 -3.60
C PHE A 153 10.29 12.84 -2.55
N GLN A 154 10.85 12.87 -1.33
CA GLN A 154 10.29 13.71 -0.29
C GLN A 154 10.34 15.18 -0.67
N GLU A 155 11.42 15.62 -1.36
CA GLU A 155 11.44 16.99 -1.89
C GLU A 155 10.27 17.23 -2.84
N LEU A 156 9.98 16.27 -3.72
CA LEU A 156 8.81 16.39 -4.60
C LEU A 156 7.53 16.51 -3.79
N VAL A 157 7.39 15.70 -2.73
CA VAL A 157 6.17 15.72 -1.92
C VAL A 157 6.01 17.08 -1.24
N LEU A 158 7.10 17.61 -0.66
CA LEU A 158 7.01 18.92 -0.03
C LEU A 158 6.59 20.00 -1.02
N ARG A 159 7.17 19.99 -2.24
CA ARG A 159 6.81 20.99 -3.23
C ARG A 159 5.36 20.84 -3.69
N ALA A 160 4.91 19.59 -3.94
CA ALA A 160 3.51 19.39 -4.31
C ALA A 160 2.57 19.82 -3.18
N ALA A 161 2.97 19.59 -1.92
CA ALA A 161 2.15 20.03 -0.80
C ALA A 161 2.04 21.54 -0.78
N ALA A 162 3.16 22.24 -0.99
CA ALA A 162 3.12 23.70 -1.07
C ALA A 162 2.20 24.17 -2.19
N ARG A 163 2.32 23.57 -3.39
CA ARG A 163 1.49 24.00 -4.51
C ARG A 163 0.01 23.75 -4.22
N ALA A 164 -0.33 22.60 -3.62
CA ALA A 164 -1.72 22.33 -3.31
C ALA A 164 -2.26 23.26 -2.23
N SER A 165 -1.43 23.60 -1.25
CA SER A 165 -1.83 24.55 -0.22
C SER A 165 -2.09 25.92 -0.84
N LEU A 166 -1.19 26.37 -1.71
CA LEU A 166 -1.35 27.69 -2.33
C LEU A 166 -2.62 27.75 -3.15
N ALA A 167 -2.98 26.66 -3.84
CA ALA A 167 -4.17 26.64 -4.68
C ALA A 167 -5.47 26.55 -3.88
N THR A 168 -5.42 26.06 -2.65
CA THR A 168 -6.65 25.78 -1.90
C THR A 168 -6.75 26.52 -0.58
N GLY A 169 -5.64 26.99 -0.03
CA GLY A 169 -5.61 27.58 1.29
C GLY A 169 -5.60 26.61 2.44
N VAL A 170 -5.60 25.30 2.19
CA VAL A 170 -5.57 24.36 3.31
C VAL A 170 -4.14 24.31 3.82
N PRO A 171 -3.91 24.12 5.12
CA PRO A 171 -2.55 24.19 5.66
C PRO A 171 -1.80 22.88 5.46
N VAL A 172 -0.49 22.95 5.74
CA VAL A 172 0.42 21.83 5.64
C VAL A 172 0.93 21.52 7.04
N THR A 173 0.98 20.24 7.38
CA THR A 173 1.54 19.79 8.66
C THR A 173 2.57 18.71 8.37
N THR A 174 3.62 18.65 9.18
CA THR A 174 4.76 17.82 8.83
C THR A 174 5.12 16.84 9.95
N HIS A 175 5.69 15.73 9.51
CA HIS A 175 6.42 14.79 10.33
C HIS A 175 7.91 15.13 10.21
N THR A 176 8.60 15.27 11.34
CA THR A 176 10.04 15.53 11.32
C THR A 176 10.79 14.49 12.14
N PHE A 177 12.09 14.39 11.84
CA PHE A 177 13.12 14.01 12.83
C PHE A 177 13.55 15.31 13.48
N ALA A 178 12.89 15.67 14.59
CA ALA A 178 13.15 16.96 15.21
C ALA A 178 14.61 17.13 15.63
N SER A 179 15.26 16.05 16.07
CA SER A 179 16.63 16.17 16.55
C SER A 179 17.63 16.33 15.41
N GLN A 180 17.22 16.15 14.17
CA GLN A 180 18.03 16.54 13.02
C GLN A 180 17.57 17.87 12.43
N ARG A 181 16.70 18.57 13.14
CA ARG A 181 16.25 19.92 12.75
C ARG A 181 15.58 19.92 11.38
N ASP A 182 14.83 18.85 11.07
CA ASP A 182 14.24 18.71 9.74
C ASP A 182 13.37 19.90 9.38
N GLY A 183 12.79 20.58 10.37
CA GLY A 183 11.95 21.73 10.08
C GLY A 183 12.67 22.81 9.31
N GLU A 184 13.99 22.93 9.48
CA GLU A 184 14.73 23.93 8.74
C GLU A 184 14.75 23.61 7.24
N GLN A 185 15.03 22.34 6.87
CA GLN A 185 14.99 22.00 5.45
C GLN A 185 13.57 22.08 4.90
N GLN A 186 12.58 21.63 5.67
CA GLN A 186 11.20 21.71 5.23
C GLN A 186 10.82 23.17 4.96
N ALA A 187 11.14 24.06 5.89
CA ALA A 187 10.89 25.49 5.71
C ALA A 187 11.60 26.02 4.46
N ALA A 188 12.86 25.65 4.26
CA ALA A 188 13.59 26.13 3.09
C ALA A 188 12.87 25.77 1.80
N ILE A 189 12.39 24.52 1.70
CA ILE A 189 11.75 24.07 0.48
C ILE A 189 10.37 24.73 0.33
N PHE A 190 9.60 24.80 1.41
CA PHE A 190 8.32 25.50 1.37
C PHE A 190 8.49 26.95 0.92
N GLU A 191 9.49 27.64 1.46
CA GLU A 191 9.64 29.05 1.11
C GLU A 191 10.10 29.21 -0.33
N SER A 192 10.87 28.24 -0.84
CA SER A 192 11.26 28.27 -2.25
C SER A 192 10.07 28.09 -3.17
N GLU A 193 8.93 27.60 -2.65
CA GLU A 193 7.68 27.54 -3.39
C GLU A 193 6.75 28.71 -3.09
N GLY A 194 7.15 29.63 -2.22
CA GLY A 194 6.33 30.79 -1.90
C GLY A 194 5.25 30.53 -0.89
N LEU A 195 5.37 29.46 -0.12
CA LEU A 195 4.39 29.13 0.90
C LEU A 195 4.63 29.98 2.14
N SER A 196 3.55 30.47 2.72
CA SER A 196 3.70 31.30 3.91
C SER A 196 3.92 30.42 5.13
N PRO A 197 4.90 30.72 5.98
CA PRO A 197 5.11 29.89 7.19
C PRO A 197 3.88 29.75 8.06
N SER A 198 3.01 30.75 8.11
CA SER A 198 1.80 30.66 8.93
C SER A 198 0.82 29.61 8.42
N ARG A 199 1.10 28.99 7.27
CA ARG A 199 0.30 27.88 6.76
C ARG A 199 0.92 26.54 7.07
N VAL A 200 1.97 26.49 7.90
CA VAL A 200 2.78 25.29 8.09
C VAL A 200 2.94 25.01 9.57
N CYS A 201 2.62 23.78 9.98
CA CYS A 201 2.93 23.27 11.30
C CYS A 201 4.10 22.29 11.19
N ILE A 202 5.21 22.59 11.87
CA ILE A 202 6.36 21.70 11.94
C ILE A 202 6.10 20.76 13.11
N GLY A 203 5.79 19.49 12.80
CA GLY A 203 5.31 18.56 13.79
C GLY A 203 6.41 17.70 14.39
N HIS A 204 6.00 16.90 15.39
CA HIS A 204 6.90 16.10 16.23
C HIS A 204 8.00 16.95 16.86
N SER A 205 7.75 18.25 16.99
CA SER A 205 8.76 19.14 17.53
C SER A 205 8.99 18.93 19.02
N ASP A 206 8.10 18.20 19.71
CA ASP A 206 8.39 17.87 21.11
C ASP A 206 9.34 16.69 21.24
N ASP A 207 9.78 16.10 20.14
CA ASP A 207 10.78 15.03 20.16
C ASP A 207 12.18 15.54 20.44
N THR A 208 12.38 16.86 20.46
CA THR A 208 13.70 17.43 20.73
C THR A 208 13.62 18.34 21.94
N ASP A 209 14.78 18.52 22.58
CA ASP A 209 14.89 19.45 23.70
C ASP A 209 15.60 20.72 23.29
N ASP A 210 15.94 20.87 22.00
CA ASP A 210 16.70 22.03 21.52
C ASP A 210 15.73 23.18 21.29
N LEU A 211 15.60 24.04 22.31
CA LEU A 211 14.64 25.12 22.24
C LEU A 211 15.02 26.13 21.16
N SER A 212 16.33 26.36 20.97
CA SER A 212 16.75 27.37 20.00
C SER A 212 16.38 26.98 18.58
N TYR A 213 16.28 25.67 18.29
CA TYR A 213 15.79 25.22 16.99
C TYR A 213 14.32 25.60 16.83
N LEU A 214 13.51 25.34 17.85
CA LEU A 214 12.10 25.67 17.76
C LEU A 214 11.85 27.18 17.73
N THR A 215 12.54 27.96 18.56
CA THR A 215 12.23 29.38 18.60
C THR A 215 12.68 30.10 17.33
N ALA A 216 13.76 29.65 16.71
CA ALA A 216 14.15 30.24 15.43
C ALA A 216 13.10 29.97 14.35
N LEU A 217 12.57 28.75 14.29
CA LEU A 217 11.49 28.47 13.36
C LEU A 217 10.27 29.32 13.66
N ALA A 218 9.90 29.41 14.95
CA ALA A 218 8.73 30.18 15.32
C ALA A 218 8.92 31.66 15.04
N ALA A 219 10.15 32.18 15.25
CA ALA A 219 10.43 33.57 14.91
C ALA A 219 10.33 33.84 13.42
N ARG A 220 10.31 32.79 12.59
CA ARG A 220 10.05 32.93 11.17
C ARG A 220 8.57 32.78 10.82
N GLY A 221 7.71 32.54 11.81
CA GLY A 221 6.28 32.49 11.60
C GLY A 221 5.68 31.10 11.53
N TYR A 222 6.49 30.05 11.65
CA TYR A 222 5.97 28.69 11.60
C TYR A 222 5.19 28.37 12.86
N LEU A 223 4.22 27.47 12.72
CA LEU A 223 3.58 26.87 13.87
C LEU A 223 4.39 25.66 14.32
N ILE A 224 4.41 25.43 15.62
CA ILE A 224 5.24 24.39 16.21
C ILE A 224 4.32 23.32 16.77
N GLY A 225 4.40 22.12 16.22
CA GLY A 225 3.61 20.99 16.66
C GLY A 225 4.24 20.20 17.78
N LEU A 226 3.75 20.43 19.01
CA LEU A 226 4.13 19.64 20.17
C LEU A 226 3.05 18.56 20.30
N ASP A 227 3.19 17.52 19.50
CA ASP A 227 2.05 16.67 19.19
C ASP A 227 2.15 15.26 19.76
N GLY A 228 3.22 14.93 20.47
CA GLY A 228 3.40 13.59 21.00
C GLY A 228 3.55 13.52 22.51
N ILE A 229 2.80 14.36 23.23
CA ILE A 229 3.09 14.56 24.66
C ILE A 229 3.08 13.26 25.46
N PRO A 230 2.12 12.35 25.30
CA PRO A 230 2.14 11.14 26.12
C PRO A 230 3.06 10.04 25.60
N HIS A 231 3.82 10.28 24.52
CA HIS A 231 4.76 9.27 24.02
C HIS A 231 5.94 9.13 24.97
N SER A 232 6.00 8.01 25.69
CA SER A 232 7.10 7.78 26.63
C SER A 232 7.19 6.30 26.95
N ALA A 233 8.41 5.77 26.94
CA ALA A 233 8.68 4.38 27.32
C ALA A 233 9.26 4.27 28.72
N ILE A 234 9.07 5.29 29.55
CA ILE A 234 9.50 5.20 30.95
C ILE A 234 8.72 4.08 31.62
N GLY A 235 9.45 3.17 32.26
CA GLY A 235 8.85 1.96 32.80
C GLY A 235 8.86 0.77 31.88
N LEU A 236 9.18 0.98 30.60
CA LEU A 236 9.25 -0.09 29.60
C LEU A 236 10.68 -0.30 29.09
N GLU A 237 11.66 -0.07 29.96
CA GLU A 237 13.06 -0.12 29.53
C GLU A 237 13.49 -1.50 29.01
N ASP A 238 12.80 -2.57 29.38
CA ASP A 238 13.13 -3.89 28.87
C ASP A 238 12.48 -4.19 27.53
N ASN A 239 11.84 -3.20 26.91
CA ASN A 239 11.12 -3.37 25.64
C ASN A 239 11.83 -2.52 24.60
N ALA A 240 12.64 -3.17 23.76
CA ALA A 240 13.45 -2.43 22.79
C ALA A 240 12.60 -1.69 21.77
N SER A 241 11.54 -2.33 21.25
CA SER A 241 10.75 -1.72 20.19
C SER A 241 9.93 -0.55 20.71
N ALA A 242 9.28 -0.70 21.87
CA ALA A 242 8.56 0.43 22.46
C ALA A 242 9.50 1.58 22.78
N SER A 243 10.67 1.26 23.34
CA SER A 243 11.63 2.31 23.68
C SER A 243 12.09 3.06 22.44
N ALA A 244 12.35 2.33 21.34
CA ALA A 244 12.78 2.98 20.11
C ALA A 244 11.70 3.91 19.57
N LEU A 245 10.44 3.48 19.63
CA LEU A 245 9.36 4.29 19.06
C LEU A 245 8.97 5.46 19.97
N LEU A 246 8.86 5.21 21.28
CA LEU A 246 8.28 6.20 22.19
C LEU A 246 9.31 7.11 22.86
N GLY A 247 10.58 6.71 22.89
CA GLY A 247 11.62 7.50 23.53
C GLY A 247 11.63 7.33 25.04
N ASN A 248 12.73 7.81 25.65
CA ASN A 248 12.91 7.69 27.08
C ASN A 248 12.73 9.02 27.80
N ARG A 249 12.25 10.05 27.11
CA ARG A 249 11.90 11.32 27.74
C ARG A 249 10.48 11.23 28.29
N SER A 250 10.26 11.86 29.44
CA SER A 250 8.96 11.79 30.09
C SER A 250 7.94 12.69 29.38
N TRP A 251 6.67 12.36 29.58
CA TRP A 251 5.62 13.26 29.12
C TRP A 251 5.74 14.64 29.77
N GLN A 252 6.22 14.70 31.01
CA GLN A 252 6.39 15.99 31.67
C GLN A 252 7.45 16.83 30.96
N THR A 253 8.53 16.20 30.51
CA THR A 253 9.57 16.91 29.77
C THR A 253 9.02 17.46 28.47
N ARG A 254 8.23 16.65 27.75
CA ARG A 254 7.58 17.15 26.54
C ARG A 254 6.61 18.28 26.87
N ALA A 255 5.83 18.14 27.95
CA ALA A 255 4.85 19.16 28.29
C ALA A 255 5.52 20.48 28.68
N LEU A 256 6.71 20.40 29.28
CA LEU A 256 7.41 21.62 29.68
C LEU A 256 7.89 22.43 28.48
N LEU A 257 8.00 21.79 27.31
CA LEU A 257 8.29 22.55 26.10
C LEU A 257 7.12 23.45 25.72
N ILE A 258 5.89 23.03 26.04
CA ILE A 258 4.76 23.92 25.83
C ILE A 258 4.93 25.19 26.67
N LYS A 259 5.23 25.01 27.95
CA LYS A 259 5.41 26.17 28.83
C LYS A 259 6.58 27.02 28.37
N ALA A 260 7.67 26.39 27.92
CA ALA A 260 8.84 27.15 27.49
C ALA A 260 8.52 28.02 26.29
N LEU A 261 7.83 27.46 25.28
CA LEU A 261 7.46 28.31 24.14
C LEU A 261 6.45 29.39 24.53
N ILE A 262 5.56 29.12 25.49
CA ILE A 262 4.68 30.17 25.99
C ILE A 262 5.52 31.26 26.64
N ASP A 263 6.47 30.85 27.49
CA ASP A 263 7.33 31.81 28.20
C ASP A 263 8.19 32.62 27.25
N GLN A 264 8.48 32.10 26.05
CA GLN A 264 9.30 32.83 25.08
C GLN A 264 8.48 33.68 24.11
N GLY A 265 7.16 33.72 24.27
CA GLY A 265 6.31 34.61 23.50
C GLY A 265 5.61 33.99 22.31
N TYR A 266 5.61 32.67 22.19
CA TYR A 266 5.10 31.99 21.00
C TYR A 266 3.76 31.29 21.23
N MET A 267 3.00 31.70 22.25
CA MET A 267 1.74 31.01 22.53
C MET A 267 0.79 30.98 21.34
N LYS A 268 0.83 31.99 20.47
CA LYS A 268 -0.06 32.03 19.32
C LYS A 268 0.38 31.11 18.19
N GLN A 269 1.49 30.39 18.35
CA GLN A 269 1.99 29.53 17.29
C GLN A 269 2.21 28.09 17.74
N ILE A 270 1.66 27.71 18.91
CA ILE A 270 1.83 26.37 19.44
C ILE A 270 0.58 25.55 19.09
N LEU A 271 0.79 24.34 18.60
CA LEU A 271 -0.29 23.37 18.43
C LEU A 271 0.06 22.12 19.23
N VAL A 272 -0.89 21.62 20.04
CA VAL A 272 -0.64 20.55 20.98
C VAL A 272 -1.50 19.35 20.60
N SER A 273 -0.94 18.15 20.71
CA SER A 273 -1.76 16.97 20.44
C SER A 273 -1.12 15.77 21.13
N ASN A 274 -1.75 14.59 20.96
CA ASN A 274 -1.26 13.34 21.54
C ASN A 274 -0.52 12.46 20.54
N ASP A 275 -0.83 12.58 19.25
CA ASP A 275 -0.37 11.62 18.25
C ASP A 275 -0.71 10.20 18.70
N TRP A 276 -1.95 10.03 19.14
CA TRP A 276 -2.43 8.73 19.57
C TRP A 276 -3.12 8.03 18.41
N LEU A 277 -3.44 6.75 18.64
CA LEU A 277 -4.13 5.92 17.67
C LEU A 277 -4.94 4.89 18.44
N PHE A 278 -5.91 4.30 17.75
CA PHE A 278 -6.73 3.22 18.29
C PHE A 278 -6.42 1.88 17.64
N GLY A 279 -5.84 1.88 16.45
CA GLY A 279 -5.22 0.69 15.90
C GLY A 279 -3.89 1.11 15.31
N PHE A 280 -2.98 0.12 15.19
CA PHE A 280 -1.59 0.41 14.84
C PHE A 280 -0.99 -0.86 14.24
N SER A 281 -0.96 -0.95 12.91
CA SER A 281 -0.44 -2.13 12.26
C SER A 281 0.92 -1.92 11.60
N SER A 282 1.38 -0.68 11.48
CA SER A 282 2.62 -0.39 10.75
C SER A 282 3.88 -0.53 11.59
N TYR A 283 3.80 -1.14 12.78
CA TYR A 283 4.98 -1.38 13.62
C TYR A 283 4.89 -2.82 14.13
N VAL A 284 5.56 -3.10 15.26
CA VAL A 284 5.51 -4.44 15.84
C VAL A 284 4.10 -4.75 16.33
N THR A 285 3.81 -6.03 16.44
CA THR A 285 2.43 -6.48 16.62
C THR A 285 1.84 -6.00 17.95
N ASN A 286 2.61 -6.02 19.01
CA ASN A 286 2.02 -5.73 20.32
C ASN A 286 1.95 -4.24 20.65
N ILE A 287 2.31 -3.36 19.72
CA ILE A 287 2.62 -1.97 20.11
C ILE A 287 1.37 -1.25 20.62
N MET A 288 0.19 -1.51 20.03
CA MET A 288 -0.99 -0.80 20.49
C MET A 288 -1.34 -1.15 21.94
N ASP A 289 -1.26 -2.44 22.29
CA ASP A 289 -1.50 -2.84 23.68
C ASP A 289 -0.49 -2.21 24.62
N VAL A 290 0.77 -2.15 24.19
CA VAL A 290 1.80 -1.54 25.02
C VAL A 290 1.48 -0.07 25.26
N MET A 291 1.21 0.68 24.19
CA MET A 291 0.87 2.10 24.31
C MET A 291 -0.36 2.32 25.19
N ASP A 292 -1.40 1.51 25.01
CA ASP A 292 -2.60 1.64 25.84
C ASP A 292 -2.29 1.34 27.30
N SER A 293 -1.31 0.48 27.58
CA SER A 293 -1.00 0.16 28.96
C SER A 293 -0.32 1.31 29.67
N VAL A 294 0.36 2.21 28.96
CA VAL A 294 0.93 3.34 29.68
C VAL A 294 0.10 4.62 29.55
N ASN A 295 -0.79 4.71 28.56
CA ASN A 295 -1.68 5.87 28.44
C ASN A 295 -3.11 5.42 28.17
N PRO A 296 -3.80 4.90 29.20
CA PRO A 296 -5.21 4.53 29.03
C PRO A 296 -6.10 5.70 28.63
N ASP A 297 -5.74 6.92 29.00
CA ASP A 297 -6.55 8.08 28.62
C ASP A 297 -6.54 8.35 27.13
N GLY A 298 -5.57 7.79 26.39
CA GLY A 298 -5.59 7.92 24.93
C GLY A 298 -5.54 9.37 24.50
N MET A 299 -6.50 9.77 23.66
CA MET A 299 -6.55 11.14 23.17
C MET A 299 -7.06 12.12 24.22
N ALA A 300 -7.67 11.63 25.29
CA ALA A 300 -8.04 12.51 26.37
C ALA A 300 -6.85 12.94 27.22
N PHE A 301 -5.63 12.51 26.88
CA PHE A 301 -4.47 12.82 27.72
C PHE A 301 -4.20 14.32 27.76
N ILE A 302 -4.30 15.00 26.61
CA ILE A 302 -4.07 16.45 26.62
C ILE A 302 -5.02 17.19 27.54
N PRO A 303 -6.35 17.03 27.45
CA PRO A 303 -7.22 17.77 28.37
C PRO A 303 -7.17 17.26 29.79
N LEU A 304 -7.00 15.95 30.00
CA LEU A 304 -7.07 15.42 31.36
C LEU A 304 -5.77 15.57 32.12
N ARG A 305 -4.63 15.57 31.44
CA ARG A 305 -3.36 15.60 32.15
C ARG A 305 -2.50 16.83 31.84
N VAL A 306 -2.38 17.21 30.58
CA VAL A 306 -1.48 18.31 30.23
C VAL A 306 -2.06 19.64 30.67
N ILE A 307 -3.37 19.86 30.46
CA ILE A 307 -3.98 21.12 30.87
C ILE A 307 -3.84 21.34 32.37
N PRO A 308 -4.14 20.37 33.25
CA PRO A 308 -3.90 20.63 34.69
C PRO A 308 -2.43 20.82 35.03
N PHE A 309 -1.53 20.10 34.36
CA PHE A 309 -0.09 20.27 34.60
C PHE A 309 0.33 21.69 34.30
N LEU A 310 -0.14 22.26 33.19
CA LEU A 310 0.23 23.64 32.85
C LEU A 310 -0.46 24.65 33.76
N ARG A 311 -1.72 24.40 34.12
CA ARG A 311 -2.40 25.32 35.02
C ARG A 311 -1.68 25.40 36.36
N GLU A 312 -1.14 24.28 36.85
CA GLU A 312 -0.39 24.33 38.11
C GLU A 312 0.91 25.10 37.95
N LYS A 313 1.50 25.05 36.76
CA LYS A 313 2.70 25.80 36.47
C LYS A 313 2.44 27.29 36.29
N GLY A 314 1.19 27.71 36.33
CA GLY A 314 0.83 29.12 36.25
C GLY A 314 0.34 29.60 34.91
N VAL A 315 0.13 28.72 33.93
CA VAL A 315 -0.41 29.16 32.66
C VAL A 315 -1.89 29.49 32.83
N PRO A 316 -2.33 30.69 32.48
CA PRO A 316 -3.74 31.04 32.67
C PRO A 316 -4.63 30.30 31.69
N GLN A 317 -5.90 30.14 32.09
CA GLN A 317 -6.84 29.41 31.25
C GLN A 317 -7.01 30.09 29.89
N GLU A 318 -6.96 31.43 29.86
CA GLU A 318 -7.07 32.16 28.60
C GLU A 318 -5.98 31.73 27.63
N THR A 319 -4.76 31.52 28.12
CA THR A 319 -3.68 31.05 27.26
C THR A 319 -3.95 29.64 26.75
N LEU A 320 -4.43 28.76 27.61
CA LEU A 320 -4.66 27.37 27.21
C LEU A 320 -5.84 27.26 26.25
N ALA A 321 -6.88 28.08 26.44
CA ALA A 321 -7.96 28.16 25.46
C ALA A 321 -7.45 28.69 24.12
N GLY A 322 -6.55 29.67 24.16
CA GLY A 322 -5.96 30.15 22.91
C GLY A 322 -5.22 29.07 22.16
N ILE A 323 -4.43 28.26 22.88
CA ILE A 323 -3.65 27.21 22.23
C ILE A 323 -4.55 26.10 21.70
N THR A 324 -5.58 25.71 22.47
CA THR A 324 -6.39 24.54 22.10
C THR A 324 -7.60 24.86 21.24
N VAL A 325 -8.01 26.14 21.19
CA VAL A 325 -9.21 26.52 20.42
C VAL A 325 -8.82 27.52 19.35
N THR A 326 -8.20 28.64 19.74
CA THR A 326 -7.98 29.72 18.77
C THR A 326 -6.94 29.34 17.72
N ASN A 327 -5.80 28.79 18.15
CA ASN A 327 -4.74 28.44 17.20
C ASN A 327 -5.20 27.42 16.18
N PRO A 328 -5.81 26.28 16.55
CA PRO A 328 -6.25 25.33 15.50
C PRO A 328 -7.27 25.93 14.54
N ALA A 329 -8.19 26.76 15.03
CA ALA A 329 -9.16 27.40 14.15
C ALA A 329 -8.48 28.27 13.11
N ARG A 330 -7.54 29.11 13.56
CA ARG A 330 -6.78 29.96 12.65
C ARG A 330 -5.98 29.13 11.66
N PHE A 331 -5.33 28.07 12.14
CA PHE A 331 -4.52 27.21 11.27
C PHE A 331 -5.37 26.51 10.22
N LEU A 332 -6.50 25.90 10.64
CA LEU A 332 -7.26 25.07 9.73
C LEU A 332 -8.12 25.87 8.75
N SER A 333 -8.51 27.08 9.12
N SER A 333 -8.51 27.08 9.12
CA SER A 333 -9.34 27.89 8.24
CA SER A 333 -9.35 27.88 8.23
C SER A 333 -8.59 28.17 6.94
C SER A 333 -8.60 28.16 6.94
N PRO A 334 -9.19 27.89 5.78
CA PRO A 334 -8.49 28.11 4.51
C PRO A 334 -8.30 29.60 4.23
N THR A 335 -7.09 29.95 3.79
CA THR A 335 -6.71 31.36 3.62
C THR A 335 -6.78 31.83 2.18
N ASP B 9 -12.39 -31.60 -7.62
CA ASP B 9 -13.24 -31.34 -8.78
C ASP B 9 -13.20 -29.88 -9.26
N ARG B 10 -12.80 -28.93 -8.41
CA ARG B 10 -13.08 -27.54 -8.70
C ARG B 10 -11.93 -26.59 -8.38
N ILE B 11 -11.87 -25.50 -9.16
CA ILE B 11 -10.93 -24.40 -8.98
C ILE B 11 -11.71 -23.14 -8.64
N ASN B 12 -11.22 -22.36 -7.67
CA ASN B 12 -11.90 -21.13 -7.29
C ASN B 12 -11.53 -19.99 -8.23
N THR B 13 -12.54 -19.28 -8.73
CA THR B 13 -12.38 -18.09 -9.54
C THR B 13 -13.07 -16.89 -8.87
N VAL B 14 -12.90 -15.72 -9.46
CA VAL B 14 -13.58 -14.53 -8.96
C VAL B 14 -15.09 -14.61 -9.15
N ARG B 15 -15.59 -15.59 -9.89
CA ARG B 15 -17.03 -15.80 -10.02
C ARG B 15 -17.50 -17.05 -9.28
N GLY B 16 -16.63 -17.71 -8.52
CA GLY B 16 -17.00 -18.92 -7.82
C GLY B 16 -16.27 -20.12 -8.38
N PRO B 17 -16.65 -21.32 -7.94
CA PRO B 17 -15.94 -22.53 -8.38
C PRO B 17 -16.29 -22.89 -9.81
N ILE B 18 -15.28 -23.38 -10.52
CA ILE B 18 -15.48 -23.97 -11.83
C ILE B 18 -14.83 -25.35 -11.82
N THR B 19 -15.39 -26.26 -12.62
CA THR B 19 -14.76 -27.57 -12.75
C THR B 19 -13.46 -27.44 -13.52
N ILE B 20 -12.56 -28.40 -13.27
CA ILE B 20 -11.25 -28.42 -13.96
C ILE B 20 -11.45 -28.36 -15.46
N SER B 21 -12.50 -29.03 -15.95
CA SER B 21 -12.76 -29.08 -17.38
C SER B 21 -13.14 -27.71 -17.95
N GLU B 22 -13.82 -26.88 -17.16
CA GLU B 22 -14.25 -25.57 -17.62
C GLU B 22 -13.10 -24.59 -17.79
N ALA B 23 -11.95 -24.85 -17.17
CA ALA B 23 -10.85 -23.90 -17.22
C ALA B 23 -10.35 -23.70 -18.65
N GLY B 24 -10.22 -24.80 -19.41
CA GLY B 24 -9.77 -24.71 -20.80
C GLY B 24 -8.41 -24.06 -20.98
N PHE B 25 -8.22 -23.44 -22.15
CA PHE B 25 -7.00 -22.70 -22.44
C PHE B 25 -6.77 -21.65 -21.36
N THR B 26 -5.67 -21.77 -20.63
CA THR B 26 -5.41 -20.96 -19.44
C THR B 26 -4.06 -20.25 -19.54
N LEU B 27 -4.07 -18.93 -19.37
CA LEU B 27 -2.85 -18.14 -19.22
C LEU B 27 -2.52 -18.05 -17.73
N THR B 28 -1.35 -18.55 -17.34
CA THR B 28 -1.06 -18.78 -15.93
C THR B 28 -0.36 -17.62 -15.23
N HIS B 29 -0.02 -16.53 -15.94
CA HIS B 29 0.62 -15.39 -15.29
C HIS B 29 0.20 -14.13 -16.04
N GLU B 30 -0.81 -13.42 -15.51
CA GLU B 30 -1.34 -12.22 -16.15
C GLU B 30 -1.76 -11.24 -15.06
N HIS B 31 -2.14 -10.03 -15.49
CA HIS B 31 -2.64 -8.99 -14.59
C HIS B 31 -3.75 -8.24 -15.29
N ILE B 32 -4.85 -7.98 -14.59
CA ILE B 32 -5.77 -6.98 -15.10
C ILE B 32 -5.16 -5.59 -14.94
N CYS B 33 -4.60 -5.30 -13.76
CA CYS B 33 -4.03 -3.99 -13.51
C CYS B 33 -2.89 -4.14 -12.52
N GLY B 34 -1.70 -3.68 -12.92
CA GLY B 34 -0.53 -3.69 -12.06
C GLY B 34 -0.42 -2.38 -11.32
N SER B 35 -0.76 -2.38 -10.04
CA SER B 35 -0.87 -1.12 -9.33
C SER B 35 -0.30 -1.24 -7.93
N SER B 36 -0.88 -0.51 -6.99
CA SER B 36 -0.50 -0.60 -5.59
C SER B 36 -1.77 -0.68 -4.75
N ALA B 37 -1.63 -1.23 -3.54
CA ALA B 37 -2.79 -1.38 -2.67
C ALA B 37 -3.48 -0.02 -2.48
N GLY B 38 -4.80 -0.01 -2.65
CA GLY B 38 -5.60 1.18 -2.48
C GLY B 38 -5.49 2.22 -3.57
N PHE B 39 -4.58 2.05 -4.53
CA PHE B 39 -4.28 3.12 -5.49
C PHE B 39 -5.42 3.31 -6.49
N LEU B 40 -5.96 2.21 -7.01
CA LEU B 40 -7.04 2.32 -7.99
C LEU B 40 -8.26 3.03 -7.37
N ARG B 41 -8.53 2.77 -6.09
CA ARG B 41 -9.66 3.44 -5.45
C ARG B 41 -9.35 4.90 -5.10
N ALA B 42 -8.09 5.22 -4.77
CA ALA B 42 -7.75 6.58 -4.37
C ALA B 42 -7.49 7.49 -5.57
N TRP B 43 -7.05 6.93 -6.71
CA TRP B 43 -6.66 7.79 -7.84
C TRP B 43 -7.04 7.14 -9.16
N PRO B 44 -8.33 6.85 -9.37
CA PRO B 44 -8.74 6.19 -10.62
C PRO B 44 -8.45 7.03 -11.86
N GLU B 45 -8.42 8.36 -11.73
CA GLU B 45 -8.12 9.23 -12.86
C GLU B 45 -6.74 8.96 -13.44
N PHE B 46 -5.82 8.36 -12.66
CA PHE B 46 -4.53 7.98 -13.23
C PHE B 46 -4.71 7.09 -14.43
N PHE B 47 -5.73 6.22 -14.41
CA PHE B 47 -6.03 5.32 -15.51
C PHE B 47 -7.09 5.89 -16.44
N GLY B 48 -7.23 7.22 -16.50
CA GLY B 48 -8.35 7.84 -17.17
C GLY B 48 -9.57 7.86 -16.29
N SER B 49 -10.14 6.67 -16.04
CA SER B 49 -11.22 6.50 -15.08
C SER B 49 -11.33 5.01 -14.80
N ARG B 50 -12.03 4.68 -13.71
CA ARG B 50 -12.30 3.28 -13.45
C ARG B 50 -13.09 2.66 -14.60
N ALA B 51 -14.08 3.39 -15.12
CA ALA B 51 -14.88 2.89 -16.23
C ALA B 51 -14.02 2.66 -17.47
N ALA B 52 -13.06 3.56 -17.73
CA ALA B 52 -12.19 3.36 -18.89
C ALA B 52 -11.34 2.11 -18.72
N LEU B 53 -10.80 1.88 -17.51
CA LEU B 53 -10.00 0.69 -17.28
C LEU B 53 -10.83 -0.57 -17.45
N VAL B 54 -12.05 -0.56 -16.92
CA VAL B 54 -12.94 -1.71 -17.10
C VAL B 54 -13.17 -1.97 -18.58
N GLU B 55 -13.51 -0.94 -19.35
CA GLU B 55 -13.80 -1.14 -20.77
C GLU B 55 -12.57 -1.66 -21.50
N LYS B 56 -11.39 -1.09 -21.20
CA LYS B 56 -10.15 -1.54 -21.83
C LYS B 56 -9.88 -2.99 -21.51
N ALA B 57 -10.06 -3.37 -20.25
CA ALA B 57 -9.80 -4.76 -19.85
C ALA B 57 -10.82 -5.71 -20.47
N VAL B 58 -12.09 -5.31 -20.52
CA VAL B 58 -13.10 -6.21 -21.08
C VAL B 58 -12.82 -6.45 -22.56
N ARG B 59 -12.47 -5.39 -23.30
CA ARG B 59 -12.10 -5.55 -24.70
C ARG B 59 -10.89 -6.45 -24.85
N GLY B 60 -9.86 -6.25 -24.01
CA GLY B 60 -8.67 -7.08 -24.11
C GLY B 60 -8.96 -8.54 -23.82
N LEU B 61 -9.78 -8.82 -22.81
CA LEU B 61 -10.10 -10.20 -22.49
C LEU B 61 -10.97 -10.84 -23.57
N ARG B 62 -11.88 -10.06 -24.17
CA ARG B 62 -12.67 -10.58 -25.29
C ARG B 62 -11.78 -10.91 -26.49
N ARG B 63 -10.74 -10.11 -26.71
CA ARG B 63 -9.81 -10.42 -27.79
C ARG B 63 -9.06 -11.72 -27.50
N ALA B 64 -8.62 -11.94 -26.25
CA ALA B 64 -8.00 -13.20 -25.89
C ALA B 64 -8.99 -14.37 -26.02
N ARG B 65 -10.24 -14.16 -25.59
CA ARG B 65 -11.24 -15.22 -25.66
C ARG B 65 -11.51 -15.64 -27.11
N ALA B 66 -11.57 -14.66 -28.02
CA ALA B 66 -11.79 -15.00 -29.42
C ALA B 66 -10.62 -15.79 -29.99
N ALA B 67 -9.42 -15.58 -29.46
CA ALA B 67 -8.25 -16.35 -29.85
C ALA B 67 -8.15 -17.70 -29.14
N GLY B 68 -9.09 -18.00 -28.23
CA GLY B 68 -9.17 -19.31 -27.63
C GLY B 68 -8.97 -19.33 -26.14
N VAL B 69 -8.54 -18.23 -25.53
CA VAL B 69 -8.31 -18.22 -24.09
C VAL B 69 -9.64 -18.34 -23.36
N ARG B 70 -9.67 -19.19 -22.32
CA ARG B 70 -10.88 -19.34 -21.52
C ARG B 70 -10.67 -18.95 -20.06
N THR B 71 -9.43 -18.97 -19.57
CA THR B 71 -9.12 -18.67 -18.17
C THR B 71 -7.82 -17.89 -18.12
N ILE B 72 -7.73 -16.91 -17.22
CA ILE B 72 -6.43 -16.33 -16.89
C ILE B 72 -6.24 -16.44 -15.38
N VAL B 73 -4.98 -16.49 -14.98
CA VAL B 73 -4.59 -16.42 -13.57
C VAL B 73 -4.04 -15.02 -13.36
N ASP B 74 -4.75 -14.21 -12.56
CA ASP B 74 -4.29 -12.87 -12.23
C ASP B 74 -3.39 -12.99 -11.00
N VAL B 75 -2.09 -12.85 -11.20
CA VAL B 75 -1.13 -13.05 -10.14
C VAL B 75 -0.79 -11.74 -9.42
N SER B 76 -1.68 -10.76 -9.49
CA SER B 76 -1.55 -9.53 -8.71
C SER B 76 -1.85 -9.83 -7.25
N THR B 77 -0.92 -9.48 -6.38
CA THR B 77 -1.13 -9.62 -4.94
C THR B 77 -1.73 -8.34 -4.35
N PHE B 78 -2.00 -8.39 -3.04
CA PHE B 78 -2.36 -7.20 -2.27
C PHE B 78 -1.47 -6.00 -2.61
N ASP B 79 -0.15 -6.18 -2.52
CA ASP B 79 0.72 -5.01 -2.67
C ASP B 79 0.94 -4.62 -4.13
N ALA B 80 0.47 -5.44 -5.07
CA ALA B 80 0.44 -5.05 -6.47
C ALA B 80 -0.90 -4.43 -6.84
N GLY B 81 -1.70 -4.06 -5.84
CA GLY B 81 -2.93 -3.35 -6.08
C GLY B 81 -4.06 -4.18 -6.64
N ARG B 82 -4.00 -5.50 -6.46
CA ARG B 82 -5.14 -6.38 -6.78
C ARG B 82 -6.44 -5.79 -6.25
N ASP B 83 -7.41 -5.64 -7.15
CA ASP B 83 -8.76 -5.19 -6.81
C ASP B 83 -9.67 -6.30 -7.31
N VAL B 84 -10.06 -7.19 -6.40
CA VAL B 84 -10.77 -8.39 -6.84
C VAL B 84 -12.16 -8.03 -7.36
N SER B 85 -12.74 -6.92 -6.91
N SER B 85 -12.73 -6.91 -6.91
CA SER B 85 -14.02 -6.48 -7.46
CA SER B 85 -14.01 -6.47 -7.45
C SER B 85 -13.89 -6.07 -8.92
C SER B 85 -13.90 -6.07 -8.91
N LEU B 86 -12.75 -5.48 -9.29
CA LEU B 86 -12.50 -5.17 -10.70
C LEU B 86 -12.38 -6.45 -11.52
N LEU B 87 -11.60 -7.43 -11.03
CA LEU B 87 -11.48 -8.71 -11.71
C LEU B 87 -12.85 -9.37 -11.89
N ALA B 88 -13.69 -9.35 -10.86
CA ALA B 88 -15.01 -9.98 -10.99
C ALA B 88 -15.86 -9.30 -12.05
N GLU B 89 -15.88 -7.96 -12.06
CA GLU B 89 -16.69 -7.26 -13.06
C GLU B 89 -16.18 -7.56 -14.46
N VAL B 90 -14.86 -7.50 -14.62
CA VAL B 90 -14.24 -7.72 -15.92
C VAL B 90 -14.42 -9.18 -16.37
N SER B 91 -14.35 -10.12 -15.43
CA SER B 91 -14.56 -11.53 -15.76
C SER B 91 -15.99 -11.78 -16.23
N ARG B 92 -16.97 -11.20 -15.54
CA ARG B 92 -18.37 -11.38 -15.93
C ARG B 92 -18.63 -10.82 -17.32
N ALA B 93 -18.17 -9.60 -17.58
CA ALA B 93 -18.50 -8.95 -18.84
C ALA B 93 -17.84 -9.65 -20.03
N ALA B 94 -16.61 -10.13 -19.84
CA ALA B 94 -15.90 -10.80 -20.93
C ALA B 94 -16.13 -12.30 -21.00
N ASP B 95 -16.72 -12.90 -19.97
CA ASP B 95 -16.86 -14.36 -19.84
C ASP B 95 -15.52 -15.07 -20.05
N VAL B 96 -14.52 -14.59 -19.31
CA VAL B 96 -13.24 -15.27 -19.18
C VAL B 96 -13.04 -15.51 -17.69
N HIS B 97 -12.78 -16.77 -17.32
CA HIS B 97 -12.53 -17.09 -15.93
C HIS B 97 -11.25 -16.40 -15.46
N ILE B 98 -11.26 -15.89 -14.22
CA ILE B 98 -10.06 -15.29 -13.64
C ILE B 98 -9.83 -15.92 -12.28
N VAL B 99 -8.66 -16.52 -12.08
CA VAL B 99 -8.25 -16.99 -10.78
C VAL B 99 -7.47 -15.87 -10.09
N ALA B 100 -7.84 -15.56 -8.85
CA ALA B 100 -7.16 -14.52 -8.09
C ALA B 100 -6.06 -15.12 -7.23
N ALA B 101 -5.14 -14.24 -6.81
CA ALA B 101 -3.94 -14.63 -6.07
C ALA B 101 -3.93 -14.00 -4.69
N THR B 102 -3.33 -14.71 -3.73
CA THR B 102 -2.81 -14.12 -2.50
C THR B 102 -1.29 -14.12 -2.59
N GLY B 103 -0.62 -13.83 -1.46
CA GLY B 103 0.83 -13.72 -1.43
C GLY B 103 1.29 -12.28 -1.28
N LEU B 104 2.59 -12.08 -1.53
CA LEU B 104 3.15 -10.73 -1.55
C LEU B 104 4.16 -10.59 -2.67
N TRP B 105 4.13 -9.43 -3.32
CA TRP B 105 4.97 -9.14 -4.47
C TRP B 105 6.17 -8.30 -3.99
N GLU B 106 6.69 -7.37 -4.79
CA GLU B 106 7.95 -6.73 -4.43
C GLU B 106 7.77 -5.38 -3.70
N ASP B 107 6.55 -5.04 -3.29
CA ASP B 107 6.29 -3.72 -2.68
C ASP B 107 5.43 -3.81 -1.42
N PRO B 108 5.73 -4.71 -0.48
CA PRO B 108 4.91 -4.81 0.74
C PRO B 108 5.01 -3.53 1.54
N PRO B 109 3.89 -3.04 2.08
CA PRO B 109 3.94 -1.90 3.00
C PRO B 109 4.47 -2.30 4.36
N LEU B 110 4.68 -1.29 5.21
CA LEU B 110 5.14 -1.51 6.58
C LEU B 110 4.25 -2.52 7.31
N SER B 111 2.94 -2.45 7.11
CA SER B 111 2.04 -3.33 7.84
C SER B 111 2.22 -4.80 7.44
N MET B 112 2.80 -5.08 6.27
CA MET B 112 3.17 -6.44 5.90
C MET B 112 4.61 -6.77 6.29
N ARG B 113 5.53 -5.81 6.06
CA ARG B 113 6.95 -6.06 6.25
C ARG B 113 7.32 -6.33 7.69
N LEU B 114 6.51 -5.87 8.63
CA LEU B 114 6.78 -6.05 10.05
C LEU B 114 6.20 -7.35 10.60
N ARG B 115 5.55 -8.16 9.77
CA ARG B 115 4.84 -9.34 10.24
C ARG B 115 5.74 -10.57 10.31
N SER B 116 5.38 -11.47 11.20
CA SER B 116 6.07 -12.74 11.37
C SER B 116 5.66 -13.74 10.29
N VAL B 117 6.43 -14.83 10.18
CA VAL B 117 6.05 -15.88 9.24
C VAL B 117 4.70 -16.48 9.65
N GLU B 118 4.44 -16.60 10.96
CA GLU B 118 3.15 -17.11 11.40
C GLU B 118 2.01 -16.17 11.03
N GLU B 119 2.22 -14.86 11.17
CA GLU B 119 1.19 -13.90 10.81
C GLU B 119 0.92 -13.90 9.32
N LEU B 120 1.98 -13.88 8.51
CA LEU B 120 1.81 -13.92 7.06
C LEU B 120 1.06 -15.18 6.64
N THR B 121 1.37 -16.31 7.28
CA THR B 121 0.64 -17.53 6.98
C THR B 121 -0.85 -17.35 7.22
N GLN B 122 -1.23 -16.72 8.34
CA GLN B 122 -2.64 -16.48 8.61
C GLN B 122 -3.26 -15.58 7.56
N PHE B 123 -2.51 -14.59 7.07
CA PHE B 123 -3.07 -13.70 6.06
C PHE B 123 -3.33 -14.44 4.75
N PHE B 124 -2.34 -15.22 4.29
CA PHE B 124 -2.52 -15.99 3.06
C PHE B 124 -3.67 -16.99 3.20
N LEU B 125 -3.74 -17.69 4.33
CA LEU B 125 -4.84 -18.62 4.57
C LEU B 125 -6.19 -17.90 4.53
N ARG B 126 -6.25 -16.70 5.13
CA ARG B 126 -7.50 -15.93 5.12
C ARG B 126 -7.99 -15.69 3.70
N GLU B 127 -7.09 -15.27 2.81
CA GLU B 127 -7.51 -14.95 1.45
C GLU B 127 -7.86 -16.21 0.64
N ILE B 128 -7.32 -17.38 1.01
CA ILE B 128 -7.66 -18.63 0.34
C ILE B 128 -8.92 -19.27 0.93
N GLN B 129 -9.02 -19.29 2.26
CA GLN B 129 -10.07 -20.06 2.93
C GLN B 129 -11.32 -19.25 3.23
N TYR B 130 -11.17 -17.97 3.57
CA TYR B 130 -12.30 -17.13 3.89
C TYR B 130 -12.73 -16.24 2.73
N GLY B 131 -11.79 -15.54 2.12
CA GLY B 131 -12.11 -14.66 1.02
C GLY B 131 -11.24 -13.41 1.06
N ILE B 132 -11.19 -12.72 -0.07
CA ILE B 132 -10.40 -11.50 -0.20
C ILE B 132 -11.27 -10.31 0.20
N GLU B 133 -10.77 -9.52 1.16
CA GLU B 133 -11.50 -8.36 1.68
C GLU B 133 -12.87 -8.84 2.14
N ASP B 134 -13.96 -8.19 1.75
CA ASP B 134 -15.30 -8.59 2.12
C ASP B 134 -16.09 -9.14 0.94
N THR B 135 -15.40 -9.68 -0.06
CA THR B 135 -16.05 -10.11 -1.29
C THR B 135 -16.42 -11.58 -1.32
N GLY B 136 -15.90 -12.38 -0.40
CA GLY B 136 -16.08 -13.82 -0.49
C GLY B 136 -15.33 -14.49 -1.61
N ILE B 137 -14.57 -13.75 -2.40
CA ILE B 137 -13.80 -14.32 -3.50
C ILE B 137 -12.54 -14.94 -2.92
N ARG B 138 -12.33 -16.23 -3.17
CA ARG B 138 -11.22 -16.98 -2.58
C ARG B 138 -10.07 -17.08 -3.58
N ALA B 139 -8.86 -16.82 -3.09
CA ALA B 139 -7.68 -16.93 -3.93
C ALA B 139 -7.42 -18.37 -4.31
N GLY B 140 -6.96 -18.57 -5.55
CA GLY B 140 -6.67 -19.91 -6.01
C GLY B 140 -5.20 -20.18 -6.28
N ILE B 141 -4.34 -19.23 -5.93
CA ILE B 141 -2.90 -19.39 -6.11
C ILE B 141 -2.19 -18.43 -5.15
N ILE B 142 -0.96 -18.76 -4.79
CA ILE B 142 -0.13 -17.90 -3.93
C ILE B 142 1.06 -17.42 -4.74
N LYS B 143 1.25 -16.10 -4.78
CA LYS B 143 2.33 -15.44 -5.51
C LYS B 143 3.37 -14.88 -4.54
N VAL B 144 4.66 -15.09 -4.85
CA VAL B 144 5.77 -14.61 -4.03
C VAL B 144 6.84 -14.07 -4.97
N ALA B 145 7.79 -13.31 -4.41
CA ALA B 145 8.78 -12.64 -5.25
C ALA B 145 10.16 -12.58 -4.59
N THR B 146 11.20 -12.73 -5.41
CA THR B 146 12.55 -12.29 -5.07
C THR B 146 13.12 -11.53 -6.26
N GLN B 147 14.13 -10.71 -5.98
CA GLN B 147 14.87 -9.97 -7.02
C GLN B 147 16.37 -10.15 -6.77
N GLY B 148 16.86 -11.34 -7.03
CA GLY B 148 18.18 -11.73 -6.56
C GLY B 148 18.07 -12.48 -5.24
N LYS B 149 19.16 -12.43 -4.47
CA LYS B 149 19.15 -13.11 -3.18
C LYS B 149 18.06 -12.53 -2.29
N ALA B 150 17.33 -13.42 -1.63
CA ALA B 150 16.16 -13.03 -0.85
C ALA B 150 16.57 -12.16 0.35
N THR B 151 15.82 -11.09 0.59
CA THR B 151 15.92 -10.39 1.85
C THR B 151 15.37 -11.30 2.96
N PRO B 152 15.72 -11.03 4.22
CA PRO B 152 15.12 -11.79 5.32
C PRO B 152 13.60 -11.80 5.29
N PHE B 153 12.97 -10.68 4.92
CA PHE B 153 11.52 -10.68 4.87
C PHE B 153 11.01 -11.59 3.75
N GLN B 154 11.67 -11.55 2.60
CA GLN B 154 11.27 -12.40 1.49
C GLN B 154 11.37 -13.88 1.86
N GLU B 155 12.35 -14.26 2.68
CA GLU B 155 12.40 -15.63 3.17
C GLU B 155 11.15 -15.99 3.96
N LEU B 156 10.71 -15.09 4.85
CA LEU B 156 9.47 -15.32 5.60
C LEU B 156 8.30 -15.50 4.66
N VAL B 157 8.20 -14.65 3.62
CA VAL B 157 7.10 -14.76 2.66
C VAL B 157 7.12 -16.13 1.98
N LEU B 158 8.31 -16.58 1.55
CA LEU B 158 8.42 -17.88 0.88
C LEU B 158 7.95 -19.01 1.81
N ARG B 159 8.37 -18.96 3.08
CA ARG B 159 7.98 -20.01 4.01
C ARG B 159 6.49 -19.98 4.31
N ALA B 160 5.93 -18.78 4.50
CA ALA B 160 4.49 -18.66 4.74
C ALA B 160 3.68 -19.13 3.54
N ALA B 161 4.15 -18.81 2.33
CA ALA B 161 3.49 -19.32 1.13
C ALA B 161 3.51 -20.84 1.11
N ALA B 162 4.64 -21.45 1.43
CA ALA B 162 4.72 -22.90 1.42
C ALA B 162 3.78 -23.49 2.47
N ARG B 163 3.73 -22.87 3.66
CA ARG B 163 2.86 -23.39 4.70
C ARG B 163 1.39 -23.24 4.31
N ALA B 164 1.02 -22.10 3.72
CA ALA B 164 -0.36 -21.92 3.28
C ALA B 164 -0.72 -22.90 2.17
N SER B 165 0.21 -23.14 1.24
CA SER B 165 -0.03 -24.09 0.17
C SER B 165 -0.25 -25.50 0.70
N LEU B 166 0.61 -25.95 1.63
CA LEU B 166 0.45 -27.27 2.21
C LEU B 166 -0.90 -27.40 2.92
N ALA B 167 -1.32 -26.36 3.62
CA ALA B 167 -2.56 -26.42 4.39
C ALA B 167 -3.80 -26.38 3.49
N THR B 168 -3.70 -25.78 2.30
CA THR B 168 -4.88 -25.58 1.46
C THR B 168 -4.87 -26.36 0.17
N GLY B 169 -3.71 -26.83 -0.29
CA GLY B 169 -3.61 -27.49 -1.56
C GLY B 169 -3.44 -26.57 -2.77
N VAL B 170 -3.50 -25.25 -2.58
CA VAL B 170 -3.41 -24.35 -3.74
C VAL B 170 -1.95 -24.18 -4.12
N PRO B 171 -1.65 -23.96 -5.39
CA PRO B 171 -0.25 -23.90 -5.83
C PRO B 171 0.41 -22.56 -5.53
N VAL B 172 1.72 -22.53 -5.77
CA VAL B 172 2.57 -21.35 -5.55
C VAL B 172 3.20 -20.98 -6.89
N THR B 173 3.26 -19.67 -7.18
CA THR B 173 3.93 -19.16 -8.36
C THR B 173 4.81 -17.97 -7.96
N THR B 174 5.94 -17.80 -8.67
CA THR B 174 6.96 -16.88 -8.19
C THR B 174 7.40 -15.88 -9.25
N HIS B 175 7.89 -14.76 -8.73
CA HIS B 175 8.60 -13.74 -9.48
C HIS B 175 10.09 -13.91 -9.20
N THR B 176 10.91 -13.92 -10.26
CA THR B 176 12.35 -14.11 -10.12
C THR B 176 13.11 -13.05 -10.89
N PHE B 177 14.38 -12.84 -10.48
CA PHE B 177 15.44 -12.31 -11.35
C PHE B 177 16.10 -13.52 -11.98
N ALA B 178 15.58 -13.94 -13.15
CA ALA B 178 16.02 -15.21 -13.73
C ALA B 178 17.53 -15.23 -13.97
N SER B 179 18.11 -14.10 -14.36
CA SER B 179 19.54 -14.05 -14.64
C SER B 179 20.40 -14.19 -13.40
N GLN B 180 19.83 -14.05 -12.20
CA GLN B 180 20.52 -14.36 -10.95
C GLN B 180 20.13 -15.73 -10.42
N ARG B 181 19.43 -16.54 -11.23
CA ARG B 181 19.13 -17.93 -10.89
C ARG B 181 18.33 -18.03 -9.60
N ASP B 182 17.42 -17.05 -9.40
CA ASP B 182 16.62 -16.96 -8.17
C ASP B 182 15.88 -18.25 -7.86
N GLY B 183 15.45 -18.98 -8.89
CA GLY B 183 14.67 -20.17 -8.66
C GLY B 183 15.38 -21.20 -7.78
N GLU B 184 16.71 -21.20 -7.79
CA GLU B 184 17.43 -22.17 -6.98
C GLU B 184 17.26 -21.90 -5.49
N GLN B 185 17.44 -20.64 -5.06
CA GLN B 185 17.19 -20.35 -3.65
C GLN B 185 15.73 -20.56 -3.27
N GLN B 186 14.81 -20.10 -4.12
CA GLN B 186 13.39 -20.33 -3.86
C GLN B 186 13.10 -21.81 -3.67
N ALA B 187 13.61 -22.66 -4.59
CA ALA B 187 13.46 -24.10 -4.47
C ALA B 187 14.00 -24.63 -3.15
N ALA B 188 15.19 -24.16 -2.75
CA ALA B 188 15.79 -24.64 -1.51
C ALA B 188 14.90 -24.34 -0.32
N ILE B 189 14.31 -23.15 -0.28
CA ILE B 189 13.46 -22.77 0.84
C ILE B 189 12.14 -23.54 0.81
N PHE B 190 11.53 -23.65 -0.38
CA PHE B 190 10.28 -24.40 -0.50
C PHE B 190 10.46 -25.85 -0.07
N GLU B 191 11.57 -26.47 -0.49
CA GLU B 191 11.82 -27.87 -0.13
C GLU B 191 12.11 -28.01 1.37
N SER B 192 12.75 -27.00 1.97
CA SER B 192 12.93 -27.05 3.42
C SER B 192 11.60 -27.00 4.17
N GLU B 193 10.53 -26.51 3.53
CA GLU B 193 9.21 -26.55 4.13
C GLU B 193 8.40 -27.77 3.73
N GLY B 194 8.98 -28.67 2.93
CA GLY B 194 8.29 -29.87 2.49
C GLY B 194 7.31 -29.67 1.36
N LEU B 195 7.43 -28.58 0.60
CA LEU B 195 6.52 -28.34 -0.51
C LEU B 195 6.96 -29.16 -1.72
N SER B 196 5.98 -29.71 -2.44
CA SER B 196 6.30 -30.51 -3.63
C SER B 196 6.66 -29.59 -4.80
N PRO B 197 7.76 -29.84 -5.51
CA PRO B 197 8.10 -28.96 -6.65
C PRO B 197 7.01 -28.88 -7.70
N SER B 198 6.22 -29.96 -7.90
CA SER B 198 5.18 -29.95 -8.90
C SER B 198 4.07 -28.95 -8.60
N ARG B 199 4.03 -28.39 -7.39
CA ARG B 199 3.07 -27.38 -7.01
C ARG B 199 3.66 -25.97 -7.02
N VAL B 200 4.85 -25.80 -7.60
CA VAL B 200 5.56 -24.53 -7.64
C VAL B 200 5.92 -24.20 -9.08
N CYS B 201 5.53 -23.01 -9.54
CA CYS B 201 6.00 -22.47 -10.81
C CYS B 201 7.03 -21.38 -10.54
N ILE B 202 8.21 -21.56 -11.12
CA ILE B 202 9.30 -20.58 -11.06
C ILE B 202 9.10 -19.64 -12.25
N GLY B 203 8.60 -18.43 -11.96
CA GLY B 203 8.16 -17.53 -13.00
C GLY B 203 9.25 -16.58 -13.50
N HIS B 204 8.89 -15.85 -14.56
CA HIS B 204 9.80 -14.98 -15.32
C HIS B 204 11.04 -15.73 -15.80
N SER B 205 10.91 -17.03 -16.04
CA SER B 205 12.06 -17.84 -16.41
C SER B 205 12.46 -17.66 -17.88
N ASP B 206 11.63 -16.99 -18.68
CA ASP B 206 12.02 -16.65 -20.04
C ASP B 206 12.87 -15.38 -20.09
N ASP B 207 13.12 -14.73 -18.95
CA ASP B 207 14.02 -13.59 -18.91
C ASP B 207 15.48 -13.98 -19.08
N THR B 208 15.80 -15.26 -18.96
CA THR B 208 17.17 -15.76 -19.10
C THR B 208 17.28 -16.71 -20.28
N ASP B 209 18.49 -16.81 -20.82
CA ASP B 209 18.79 -17.78 -21.87
C ASP B 209 19.53 -19.00 -21.34
N ASP B 210 19.77 -19.08 -20.03
CA ASP B 210 20.53 -20.16 -19.42
C ASP B 210 19.67 -21.41 -19.35
N LEU B 211 19.74 -22.22 -20.40
CA LEU B 211 18.97 -23.46 -20.44
C LEU B 211 19.38 -24.42 -19.32
N SER B 212 20.66 -24.43 -18.94
CA SER B 212 21.07 -25.39 -17.92
C SER B 212 20.41 -25.09 -16.59
N TYR B 213 20.20 -23.81 -16.27
CA TYR B 213 19.46 -23.43 -15.06
C TYR B 213 18.01 -23.89 -15.15
N LEU B 214 17.37 -23.67 -16.31
CA LEU B 214 15.96 -24.04 -16.43
C LEU B 214 15.76 -25.55 -16.41
N THR B 215 16.60 -26.29 -17.15
CA THR B 215 16.41 -27.74 -17.20
C THR B 215 16.75 -28.40 -15.88
N ALA B 216 17.68 -27.84 -15.10
CA ALA B 216 17.95 -28.40 -13.79
C ALA B 216 16.74 -28.29 -12.88
N LEU B 217 16.05 -27.14 -12.90
CA LEU B 217 14.84 -27.00 -12.09
C LEU B 217 13.73 -27.90 -12.61
N ALA B 218 13.55 -27.96 -13.92
CA ALA B 218 12.51 -28.83 -14.48
C ALA B 218 12.75 -30.29 -14.14
N ALA B 219 14.02 -30.73 -14.15
CA ALA B 219 14.33 -32.12 -13.83
C ALA B 219 13.95 -32.44 -12.39
N ARG B 220 13.95 -31.43 -11.51
CA ARG B 220 13.53 -31.58 -10.12
C ARG B 220 12.02 -31.56 -9.94
N GLY B 221 11.25 -31.40 -11.01
CA GLY B 221 9.80 -31.36 -10.90
C GLY B 221 9.18 -29.98 -10.83
N TYR B 222 10.00 -28.93 -10.81
CA TYR B 222 9.47 -27.56 -10.78
C TYR B 222 8.81 -27.23 -12.11
N LEU B 223 7.77 -26.42 -12.06
CA LEU B 223 7.18 -25.87 -13.27
C LEU B 223 7.95 -24.61 -13.67
N ILE B 224 8.20 -24.47 -14.97
CA ILE B 224 9.01 -23.39 -15.51
C ILE B 224 8.07 -22.38 -16.15
N GLY B 225 7.96 -21.20 -15.56
CA GLY B 225 7.06 -20.17 -16.06
C GLY B 225 7.66 -19.30 -17.15
N LEU B 226 7.40 -19.66 -18.41
CA LEU B 226 7.85 -18.87 -19.55
C LEU B 226 6.74 -17.87 -19.87
N ASP B 227 6.69 -16.81 -19.07
CA ASP B 227 5.46 -16.04 -18.89
C ASP B 227 5.51 -14.62 -19.43
N GLY B 228 6.59 -14.20 -20.08
CA GLY B 228 6.67 -12.84 -20.58
C GLY B 228 7.01 -12.78 -22.05
N ILE B 229 6.43 -13.68 -22.85
CA ILE B 229 6.90 -13.85 -24.23
C ILE B 229 6.87 -12.56 -25.04
N PRO B 230 5.82 -11.72 -25.01
CA PRO B 230 5.85 -10.49 -25.82
C PRO B 230 6.61 -9.33 -25.19
N HIS B 231 7.27 -9.53 -24.06
CA HIS B 231 8.03 -8.45 -23.42
C HIS B 231 9.30 -8.20 -24.21
N SER B 232 9.33 -7.12 -24.97
CA SER B 232 10.52 -6.78 -25.74
C SER B 232 10.49 -5.30 -26.12
N ALA B 233 11.63 -4.64 -25.98
CA ALA B 233 11.79 -3.24 -26.36
C ALA B 233 12.56 -3.09 -27.66
N ILE B 234 12.62 -4.14 -28.48
CA ILE B 234 13.22 -3.98 -29.78
C ILE B 234 12.45 -2.91 -30.54
N GLY B 235 13.19 -2.02 -31.20
CA GLY B 235 12.58 -0.86 -31.82
C GLY B 235 12.33 0.30 -30.91
N LEU B 236 12.54 0.12 -29.59
CA LEU B 236 12.34 1.16 -28.58
C LEU B 236 13.66 1.46 -27.89
N GLU B 237 14.78 1.33 -28.62
CA GLU B 237 16.09 1.41 -28.01
C GLU B 237 16.36 2.78 -27.41
N ASP B 238 15.70 3.82 -27.93
CA ASP B 238 15.84 5.18 -27.43
C ASP B 238 15.09 5.41 -26.12
N ASN B 239 14.25 4.48 -25.71
CA ASN B 239 13.41 4.63 -24.52
C ASN B 239 14.06 3.85 -23.39
N ALA B 240 14.73 4.56 -22.49
CA ALA B 240 15.45 3.91 -21.40
C ALA B 240 14.50 3.14 -20.49
N SER B 241 13.38 3.75 -20.13
CA SER B 241 12.50 3.09 -19.17
C SER B 241 11.86 1.85 -19.77
N ALA B 242 11.44 1.92 -21.04
CA ALA B 242 10.85 0.75 -21.67
C ALA B 242 11.90 -0.34 -21.88
N SER B 243 13.11 0.05 -22.27
CA SER B 243 14.18 -0.93 -22.45
C SER B 243 14.52 -1.64 -21.14
N ALA B 244 14.61 -0.88 -20.04
CA ALA B 244 14.93 -1.50 -18.76
C ALA B 244 13.85 -2.50 -18.36
N LEU B 245 12.58 -2.15 -18.60
CA LEU B 245 11.48 -3.01 -18.18
C LEU B 245 11.39 -4.25 -19.05
N LEU B 246 11.40 -4.07 -20.37
CA LEU B 246 11.03 -5.13 -21.30
C LEU B 246 12.23 -5.92 -21.83
N GLY B 247 13.45 -5.41 -21.68
CA GLY B 247 14.62 -6.09 -22.18
C GLY B 247 14.76 -5.95 -23.67
N ASN B 248 15.93 -6.30 -24.19
CA ASN B 248 16.22 -6.16 -25.60
C ASN B 248 16.29 -7.50 -26.33
N ARG B 249 15.84 -8.58 -25.69
CA ARG B 249 15.68 -9.87 -26.36
C ARG B 249 14.32 -9.95 -27.04
N SER B 250 14.29 -10.58 -28.21
CA SER B 250 13.08 -10.65 -29.01
C SER B 250 12.07 -11.61 -28.42
N TRP B 251 10.80 -11.42 -28.79
CA TRP B 251 9.80 -12.42 -28.43
C TRP B 251 10.12 -13.78 -29.06
N GLN B 252 10.76 -13.79 -30.24
CA GLN B 252 11.13 -15.08 -30.84
C GLN B 252 12.16 -15.80 -29.98
N THR B 253 13.13 -15.07 -29.45
CA THR B 253 14.13 -15.65 -28.55
C THR B 253 13.46 -16.24 -27.31
N ARG B 254 12.55 -15.50 -26.69
CA ARG B 254 11.82 -16.04 -25.54
C ARG B 254 10.99 -17.25 -25.92
N ALA B 255 10.28 -17.17 -27.06
CA ALA B 255 9.44 -18.28 -27.49
C ALA B 255 10.27 -19.53 -27.80
N LEU B 256 11.51 -19.36 -28.27
CA LEU B 256 12.30 -20.55 -28.60
C LEU B 256 12.76 -21.31 -27.36
N LEU B 257 12.74 -20.67 -26.18
CA LEU B 257 12.95 -21.42 -24.95
C LEU B 257 11.85 -22.44 -24.72
N ILE B 258 10.62 -22.14 -25.18
CA ILE B 258 9.54 -23.12 -25.10
C ILE B 258 9.88 -24.34 -25.93
N LYS B 259 10.30 -24.12 -27.18
CA LYS B 259 10.69 -25.23 -28.02
C LYS B 259 11.89 -25.98 -27.44
N ALA B 260 12.86 -25.25 -26.89
CA ALA B 260 14.04 -25.89 -26.34
C ALA B 260 13.69 -26.82 -25.19
N LEU B 261 12.80 -26.38 -24.29
CA LEU B 261 12.42 -27.27 -23.18
C LEU B 261 11.62 -28.47 -23.70
N ILE B 262 10.75 -28.27 -24.70
CA ILE B 262 10.06 -29.40 -25.33
C ILE B 262 11.07 -30.39 -25.90
N ASP B 263 12.03 -29.87 -26.69
CA ASP B 263 13.03 -30.72 -27.34
C ASP B 263 13.85 -31.51 -26.33
N GLN B 264 14.05 -30.98 -25.12
CA GLN B 264 14.87 -31.65 -24.12
C GLN B 264 14.04 -32.50 -23.16
N GLY B 265 12.76 -32.68 -23.44
CA GLY B 265 11.94 -33.63 -22.73
C GLY B 265 11.09 -33.06 -21.61
N TYR B 266 11.02 -31.74 -21.47
CA TYR B 266 10.41 -31.12 -20.30
C TYR B 266 9.06 -30.48 -20.61
N MET B 267 8.36 -30.95 -21.64
CA MET B 267 7.05 -30.38 -21.99
C MET B 267 6.13 -30.31 -20.78
N LYS B 268 6.12 -31.36 -19.95
CA LYS B 268 5.15 -31.42 -18.86
C LYS B 268 5.43 -30.39 -17.77
N GLN B 269 6.62 -29.78 -17.76
CA GLN B 269 6.99 -28.77 -16.77
C GLN B 269 6.78 -27.33 -17.25
N ILE B 270 6.33 -27.12 -18.47
CA ILE B 270 6.22 -25.78 -19.05
C ILE B 270 4.87 -25.19 -18.70
N LEU B 271 4.88 -23.91 -18.33
CA LEU B 271 3.69 -23.06 -18.38
C LEU B 271 4.05 -21.81 -19.18
N VAL B 272 3.10 -21.31 -19.97
CA VAL B 272 3.35 -20.17 -20.84
C VAL B 272 2.31 -19.07 -20.58
N SER B 273 2.75 -17.82 -20.66
CA SER B 273 1.81 -16.71 -20.50
C SER B 273 2.43 -15.46 -21.10
N ASN B 274 1.70 -14.34 -21.04
CA ASN B 274 2.14 -13.06 -21.58
C ASN B 274 2.66 -12.09 -20.53
N ASP B 275 2.25 -12.26 -19.28
CA ASP B 275 2.50 -11.26 -18.24
C ASP B 275 2.07 -9.88 -18.72
N TRP B 276 0.86 -9.82 -19.26
CA TRP B 276 0.31 -8.58 -19.75
C TRP B 276 -0.55 -7.91 -18.67
N LEU B 277 -1.00 -6.69 -18.96
CA LEU B 277 -1.89 -5.96 -18.07
C LEU B 277 -2.64 -4.93 -18.90
N PHE B 278 -3.70 -4.39 -18.31
CA PHE B 278 -4.49 -3.36 -18.97
C PHE B 278 -4.40 -2.00 -18.29
N GLY B 279 -3.90 -1.95 -17.05
CA GLY B 279 -3.44 -0.72 -16.45
C GLY B 279 -2.16 -1.00 -15.69
N PHE B 280 -1.38 0.07 -15.46
CA PHE B 280 -0.01 -0.09 -14.99
C PHE B 280 0.42 1.23 -14.35
N SER B 281 0.38 1.29 -13.01
CA SER B 281 0.74 2.52 -12.30
C SER B 281 2.01 2.40 -11.49
N SER B 282 2.53 1.18 -11.29
CA SER B 282 3.72 0.98 -10.45
C SER B 282 5.03 1.22 -11.19
N TYR B 283 5.00 1.88 -12.34
CA TYR B 283 6.22 2.18 -13.10
C TYR B 283 6.08 3.60 -13.66
N VAL B 284 6.82 3.90 -14.74
CA VAL B 284 6.74 5.25 -15.31
C VAL B 284 5.37 5.50 -15.92
N THR B 285 5.01 6.77 -16.00
CA THR B 285 3.63 7.14 -16.32
C THR B 285 3.18 6.61 -17.69
N ASN B 286 4.02 6.72 -18.71
CA ASN B 286 3.51 6.38 -20.04
C ASN B 286 3.58 4.89 -20.38
N ILE B 287 3.90 4.01 -19.42
CA ILE B 287 4.40 2.68 -19.78
C ILE B 287 3.31 1.81 -20.44
N MET B 288 2.05 1.93 -20.02
CA MET B 288 1.01 1.10 -20.64
C MET B 288 0.83 1.47 -22.10
N ASP B 289 0.84 2.76 -22.42
CA ASP B 289 0.78 3.20 -23.82
C ASP B 289 1.91 2.61 -24.63
N VAL B 290 3.13 2.61 -24.09
CA VAL B 290 4.27 2.05 -24.79
C VAL B 290 4.09 0.56 -25.01
N MET B 291 3.71 -0.17 -23.97
CA MET B 291 3.52 -1.60 -24.11
C MET B 291 2.42 -1.94 -25.11
N ASP B 292 1.32 -1.18 -25.09
CA ASP B 292 0.26 -1.45 -26.06
C ASP B 292 0.71 -1.18 -27.48
N SER B 293 1.63 -0.23 -27.68
CA SER B 293 2.13 0.02 -29.02
C SER B 293 3.00 -1.13 -29.51
N VAL B 294 3.68 -1.81 -28.58
CA VAL B 294 4.51 -2.97 -28.90
C VAL B 294 3.63 -4.17 -29.22
N ASN B 295 2.64 -4.44 -28.37
CA ASN B 295 1.82 -5.66 -28.47
C ASN B 295 0.34 -5.31 -28.41
N PRO B 296 -0.23 -4.85 -29.52
CA PRO B 296 -1.68 -4.58 -29.55
C PRO B 296 -2.53 -5.80 -29.23
N ASP B 297 -2.04 -7.02 -29.51
CA ASP B 297 -2.80 -8.23 -29.24
C ASP B 297 -2.90 -8.54 -27.74
N GLY B 298 -2.09 -7.90 -26.90
CA GLY B 298 -2.20 -8.06 -25.48
C GLY B 298 -2.10 -9.50 -25.03
N MET B 299 -3.10 -9.96 -24.26
CA MET B 299 -3.09 -11.34 -23.79
C MET B 299 -3.39 -12.34 -24.89
N ALA B 300 -3.90 -11.90 -26.05
CA ALA B 300 -4.05 -12.81 -27.17
C ALA B 300 -2.73 -13.14 -27.85
N PHE B 301 -1.61 -12.56 -27.40
CA PHE B 301 -0.34 -12.81 -28.08
C PHE B 301 0.04 -14.30 -28.07
N ILE B 302 -0.11 -14.97 -26.93
CA ILE B 302 0.25 -16.39 -26.87
C ILE B 302 -0.52 -17.17 -27.95
N PRO B 303 -1.86 -17.16 -27.97
CA PRO B 303 -2.55 -17.98 -28.98
C PRO B 303 -2.36 -17.48 -30.41
N LEU B 304 -2.32 -16.16 -30.62
CA LEU B 304 -2.30 -15.66 -31.99
C LEU B 304 -0.92 -15.70 -32.62
N ARG B 305 0.13 -15.56 -31.81
CA ARG B 305 1.49 -15.43 -32.34
C ARG B 305 2.42 -16.55 -31.93
N VAL B 306 2.42 -16.97 -30.67
CA VAL B 306 3.40 -17.97 -30.22
C VAL B 306 3.02 -19.35 -30.72
N ILE B 307 1.73 -19.68 -30.67
CA ILE B 307 1.29 -21.00 -31.12
C ILE B 307 1.57 -21.18 -32.61
N PRO B 308 1.21 -20.26 -33.51
CA PRO B 308 1.56 -20.46 -34.93
C PRO B 308 3.05 -20.52 -35.18
N PHE B 309 3.83 -19.75 -34.43
CA PHE B 309 5.28 -19.75 -34.55
C PHE B 309 5.85 -21.12 -34.22
N LEU B 310 5.43 -21.70 -33.09
CA LEU B 310 5.94 -23.00 -32.69
C LEU B 310 5.40 -24.11 -33.58
N ARG B 311 4.15 -23.98 -34.06
CA ARG B 311 3.58 -24.96 -34.97
C ARG B 311 4.44 -25.11 -36.22
N GLU B 312 4.88 -23.98 -36.78
CA GLU B 312 5.67 -24.08 -38.01
C GLU B 312 7.10 -24.51 -37.75
N LYS B 313 7.56 -24.41 -36.50
CA LYS B 313 8.82 -25.01 -36.12
C LYS B 313 8.71 -26.52 -35.90
N GLY B 314 7.51 -27.08 -36.01
CA GLY B 314 7.32 -28.52 -35.93
C GLY B 314 6.73 -29.02 -34.63
N VAL B 315 6.43 -28.14 -33.67
CA VAL B 315 5.80 -28.60 -32.43
C VAL B 315 4.36 -28.99 -32.75
N PRO B 316 3.95 -30.23 -32.48
CA PRO B 316 2.59 -30.66 -32.80
C PRO B 316 1.54 -29.89 -32.00
N GLN B 317 0.37 -29.69 -32.62
CA GLN B 317 -0.71 -28.98 -31.96
C GLN B 317 -1.10 -29.64 -30.64
N GLU B 318 -1.09 -30.98 -30.59
CA GLU B 318 -1.47 -31.68 -29.37
C GLU B 318 -0.50 -31.39 -28.22
N THR B 319 0.78 -31.20 -28.54
CA THR B 319 1.76 -30.79 -27.54
C THR B 319 1.47 -29.38 -27.03
N LEU B 320 1.15 -28.46 -27.95
CA LEU B 320 0.81 -27.09 -27.56
C LEU B 320 -0.48 -27.03 -26.74
N ALA B 321 -1.48 -27.85 -27.10
CA ALA B 321 -2.69 -27.92 -26.30
C ALA B 321 -2.39 -28.49 -24.92
N GLY B 322 -1.49 -29.46 -24.83
CA GLY B 322 -1.12 -29.97 -23.51
C GLY B 322 -0.47 -28.92 -22.65
N ILE B 323 0.35 -28.06 -23.25
CA ILE B 323 1.00 -27.01 -22.48
C ILE B 323 0.00 -25.95 -22.03
N THR B 324 -0.94 -25.58 -22.92
CA THR B 324 -1.83 -24.46 -22.65
C THR B 324 -3.15 -24.87 -21.98
N VAL B 325 -3.50 -26.16 -21.96
CA VAL B 325 -4.77 -26.59 -21.37
C VAL B 325 -4.52 -27.54 -20.20
N THR B 326 -3.83 -28.66 -20.46
CA THR B 326 -3.69 -29.71 -19.45
C THR B 326 -2.70 -29.31 -18.36
N ASN B 327 -1.53 -28.80 -18.75
CA ASN B 327 -0.54 -28.37 -17.77
C ASN B 327 -1.11 -27.35 -16.78
N PRO B 328 -1.82 -26.29 -17.20
CA PRO B 328 -2.40 -25.38 -16.20
C PRO B 328 -3.48 -26.04 -15.35
N ALA B 329 -4.29 -26.93 -15.93
CA ALA B 329 -5.32 -27.59 -15.15
C ALA B 329 -4.72 -28.41 -14.02
N ARG B 330 -3.65 -29.15 -14.32
CA ARG B 330 -2.94 -29.91 -13.28
C ARG B 330 -2.35 -29.00 -12.23
N PHE B 331 -1.79 -27.87 -12.65
CA PHE B 331 -1.17 -26.94 -11.72
C PHE B 331 -2.20 -26.32 -10.77
N LEU B 332 -3.34 -25.88 -11.31
CA LEU B 332 -4.30 -25.10 -10.55
C LEU B 332 -5.24 -25.96 -9.71
N SER B 333 -5.47 -27.20 -10.11
N SER B 333 -5.46 -27.20 -10.09
CA SER B 333 -6.31 -28.11 -9.32
CA SER B 333 -6.33 -28.09 -9.32
C SER B 333 -5.73 -28.24 -7.91
C SER B 333 -5.77 -28.27 -7.92
N PRO B 334 -6.51 -27.94 -6.87
CA PRO B 334 -5.97 -28.09 -5.52
C PRO B 334 -5.68 -29.55 -5.21
N THR B 335 -4.58 -29.78 -4.50
CA THR B 335 -4.25 -31.11 -4.04
C THR B 335 -4.77 -31.27 -2.61
N LEU B 336 -4.62 -32.48 -2.05
CA LEU B 336 -5.13 -32.73 -0.71
C LEU B 336 -4.42 -31.83 0.31
N ARG B 337 -5.19 -31.37 1.27
CA ARG B 337 -4.60 -30.64 2.38
C ARG B 337 -3.73 -31.57 3.22
N ALA B 338 -2.69 -31.01 3.85
CA ALA B 338 -1.90 -31.79 4.79
C ALA B 338 -2.75 -32.23 5.97
N SER B 339 -2.24 -33.24 6.69
CA SER B 339 -2.98 -33.99 7.73
C SER B 339 -4.08 -34.85 7.09
C FMT C . 2.15 11.77 10.77
O1 FMT C . 1.48 11.15 11.62
O2 FMT C . 3.39 12.09 11.04
ZN ZN D . 1.13 10.96 13.69
ZN ZN E . 4.73 11.32 12.29
O12 9ON F . 4.34 8.60 15.75
C7 9ON F . 3.84 7.58 15.44
O10 9ON F . 4.39 6.43 15.08
C4 9ON F . 2.46 7.57 15.52
C5 9ON F . 2.16 6.89 16.86
C3 9ON F . 1.77 7.54 14.20
C2 9ON F . 2.66 7.96 13.01
C1 9ON F . 3.37 9.29 13.05
O8 9ON F . 4.40 9.34 12.29
O9 9ON F . 2.94 10.25 13.62
C FMT G . 4.16 -11.10 -10.44
O1 FMT G . 3.56 -10.58 -11.43
O2 FMT G . 5.41 -11.47 -10.59
ZN ZN H . 3.39 -10.40 -13.56
ZN ZN I . 6.81 -10.47 -11.67
O12 9ON J . 6.47 -5.71 -14.63
C7 9ON J . 6.01 -6.87 -15.03
O10 9ON J . 6.62 -7.90 -15.14
C4 9ON J . 4.60 -6.85 -15.29
C5 9ON J . 4.39 -5.93 -16.49
C3 9ON J . 3.75 -6.90 -14.05
C2 9ON J . 4.53 -7.32 -12.78
C1 9ON J . 5.36 -8.57 -12.74
O8 9ON J . 5.15 -9.58 -13.36
O9 9ON J . 6.35 -8.51 -11.85
#